data_6QBZ
#
_entry.id   6QBZ
#
_entity_poly.entity_id   1
_entity_poly.type   'polypeptide(L)'
_entity_poly.pdbx_seq_one_letter_code
;MIRFEIHGDNLTITDAIRNYIEEKIGKLERYFNDVPNAVAHVKVKTYSNSATKIEVTIPLKNVTLRAEERNDDLYAGIDL
INNKLERQVRKYKTRINRKSRDRGDQEVFV
;
_entity_poly.pdbx_strand_id   A
#
# COMPACT_ATOMS: atom_id res chain seq x y z
N MET A 1 -5.52 -13.71 5.75
CA MET A 1 -4.11 -13.33 5.97
C MET A 1 -3.69 -12.24 4.99
N ILE A 2 -3.09 -11.18 5.50
CA ILE A 2 -2.57 -10.12 4.66
C ILE A 2 -1.40 -10.65 3.83
N ARG A 3 -1.54 -10.57 2.51
CA ARG A 3 -0.58 -11.11 1.60
C ARG A 3 0.23 -10.02 0.93
N PHE A 4 1.39 -10.39 0.47
CA PHE A 4 2.24 -9.53 -0.31
C PHE A 4 2.72 -10.28 -1.53
N GLU A 5 2.23 -9.88 -2.69
CA GLU A 5 2.48 -10.60 -3.91
C GLU A 5 3.26 -9.74 -4.87
N ILE A 6 4.55 -9.76 -4.68
CA ILE A 6 5.45 -8.90 -5.39
C ILE A 6 6.13 -9.63 -6.54
N HIS A 7 6.33 -8.91 -7.62
CA HIS A 7 7.19 -9.34 -8.71
C HIS A 7 8.28 -8.32 -8.85
N GLY A 8 9.40 -8.52 -8.20
CA GLY A 8 10.36 -7.48 -8.25
C GLY A 8 11.59 -7.84 -9.04
N ASP A 9 11.72 -7.25 -10.22
CA ASP A 9 12.92 -7.41 -11.02
C ASP A 9 13.85 -6.23 -10.77
N ASN A 10 14.61 -6.33 -9.68
CA ASN A 10 15.57 -5.30 -9.31
C ASN A 10 16.93 -5.93 -9.06
N LEU A 11 17.81 -5.23 -8.35
CA LEU A 11 19.12 -5.77 -8.02
C LEU A 11 19.00 -6.70 -6.82
N THR A 12 18.42 -6.18 -5.75
CA THR A 12 18.28 -6.93 -4.51
C THR A 12 16.97 -7.74 -4.49
N ILE A 13 16.97 -8.86 -5.18
CA ILE A 13 15.79 -9.72 -5.21
C ILE A 13 15.96 -10.85 -4.21
N THR A 14 15.68 -10.56 -2.95
CA THR A 14 15.89 -11.56 -1.90
C THR A 14 14.91 -11.36 -0.76
N ASP A 15 15.09 -12.13 0.31
CA ASP A 15 14.17 -12.10 1.45
C ASP A 15 14.21 -10.74 2.14
N ALA A 16 15.32 -10.03 1.96
CA ALA A 16 15.51 -8.70 2.53
C ALA A 16 14.28 -7.82 2.34
N ILE A 17 13.97 -7.55 1.09
CA ILE A 17 12.88 -6.66 0.73
C ILE A 17 11.55 -7.30 1.04
N ARG A 18 11.44 -8.58 0.75
CA ARG A 18 10.21 -9.28 0.98
C ARG A 18 9.84 -9.13 2.45
N ASN A 19 10.84 -9.37 3.30
CA ASN A 19 10.71 -9.15 4.71
C ASN A 19 10.42 -7.67 4.99
N TYR A 20 11.21 -6.80 4.36
CA TYR A 20 11.04 -5.34 4.46
C TYR A 20 9.58 -4.93 4.24
N ILE A 21 8.94 -5.60 3.29
CA ILE A 21 7.62 -5.24 2.87
C ILE A 21 6.67 -5.91 3.80
N GLU A 22 7.13 -7.04 4.31
CA GLU A 22 6.34 -7.78 5.23
C GLU A 22 6.20 -6.98 6.52
N GLU A 23 7.27 -6.27 6.83
CA GLU A 23 7.31 -5.39 7.98
C GLU A 23 6.44 -4.18 7.73
N LYS A 24 6.62 -3.57 6.55
CA LYS A 24 5.81 -2.41 6.17
C LYS A 24 4.34 -2.76 6.21
N ILE A 25 3.92 -3.59 5.27
CA ILE A 25 2.52 -4.02 5.16
C ILE A 25 2.04 -4.61 6.49
N GLY A 26 2.91 -5.36 7.15
CA GLY A 26 2.57 -5.86 8.46
C GLY A 26 2.24 -4.75 9.44
N LYS A 27 3.02 -3.67 9.41
CA LYS A 27 2.86 -2.64 10.40
C LYS A 27 1.72 -1.73 10.01
N LEU A 28 1.44 -1.68 8.72
CA LEU A 28 0.32 -0.94 8.21
C LEU A 28 -0.99 -1.63 8.57
N GLU A 29 -1.06 -2.91 8.27
CA GLU A 29 -2.27 -3.67 8.52
C GLU A 29 -2.45 -3.95 10.00
N ARG A 30 -1.37 -3.93 10.77
CA ARG A 30 -1.49 -4.06 12.22
C ARG A 30 -2.02 -2.79 12.87
N TYR A 31 -2.23 -1.75 12.08
CA TYR A 31 -2.97 -0.58 12.54
C TYR A 31 -4.44 -0.95 12.65
N PHE A 32 -4.81 -1.97 11.91
CA PHE A 32 -6.15 -2.49 11.90
C PHE A 32 -6.16 -3.84 12.58
N ASN A 33 -7.32 -4.31 12.98
CA ASN A 33 -7.44 -5.69 13.39
C ASN A 33 -8.52 -6.41 12.59
N ASP A 34 -9.46 -5.64 12.05
CA ASP A 34 -10.56 -6.19 11.31
C ASP A 34 -10.22 -6.38 9.85
N VAL A 35 -8.95 -6.55 9.57
CA VAL A 35 -8.47 -6.74 8.21
C VAL A 35 -8.04 -8.20 7.97
N PRO A 36 -8.94 -9.01 7.38
CA PRO A 36 -8.62 -10.38 7.01
C PRO A 36 -7.77 -10.46 5.74
N ASN A 37 -8.05 -9.58 4.78
CA ASN A 37 -7.37 -9.62 3.49
C ASN A 37 -6.84 -8.24 3.08
N ALA A 38 -5.52 -8.15 2.98
CA ALA A 38 -4.85 -7.00 2.40
C ALA A 38 -3.65 -7.49 1.60
N VAL A 39 -3.50 -7.04 0.37
CA VAL A 39 -2.51 -7.57 -0.53
C VAL A 39 -1.54 -6.47 -0.97
N ALA A 40 -0.33 -6.84 -1.37
CA ALA A 40 0.59 -5.92 -2.04
C ALA A 40 1.12 -6.53 -3.33
N HIS A 41 0.40 -6.30 -4.42
CA HIS A 41 0.83 -6.72 -5.75
C HIS A 41 1.77 -5.67 -6.30
N VAL A 42 3.06 -5.86 -6.10
CA VAL A 42 4.03 -4.85 -6.41
C VAL A 42 4.99 -5.39 -7.42
N LYS A 43 5.53 -4.51 -8.20
CA LYS A 43 6.49 -4.90 -9.22
C LYS A 43 7.48 -3.79 -9.47
N VAL A 44 8.69 -4.05 -9.06
CA VAL A 44 9.81 -3.17 -9.28
C VAL A 44 10.60 -3.72 -10.47
N LYS A 45 11.31 -2.85 -11.11
CA LYS A 45 11.99 -3.14 -12.36
C LYS A 45 13.19 -2.20 -12.48
N THR A 46 14.38 -2.71 -12.25
CA THR A 46 15.58 -1.91 -12.37
C THR A 46 16.81 -2.79 -12.50
N TYR A 47 17.77 -2.35 -13.29
CA TYR A 47 19.09 -2.95 -13.29
C TYR A 47 20.10 -1.82 -13.17
N SER A 48 20.02 -1.14 -12.04
CA SER A 48 20.85 0.01 -11.70
C SER A 48 20.44 0.54 -10.33
N ASN A 49 21.41 0.89 -9.50
CA ASN A 49 21.10 1.42 -8.18
C ASN A 49 20.58 2.85 -8.29
N SER A 50 20.77 3.46 -9.46
CA SER A 50 20.32 4.81 -9.72
C SER A 50 18.94 4.82 -10.38
N ALA A 51 18.33 3.66 -10.40
CA ALA A 51 17.03 3.48 -11.05
C ALA A 51 16.08 2.71 -10.20
N THR A 52 14.80 2.94 -10.46
CA THR A 52 13.78 2.05 -10.07
C THR A 52 12.51 2.31 -10.87
N LYS A 53 11.91 1.26 -11.40
CA LYS A 53 10.57 1.36 -11.92
C LYS A 53 9.65 0.47 -11.14
N ILE A 54 8.64 1.05 -10.55
CA ILE A 54 7.77 0.31 -9.66
C ILE A 54 6.33 0.41 -10.04
N GLU A 55 5.57 -0.55 -9.56
CA GLU A 55 4.17 -0.51 -9.66
C GLU A 55 3.57 -1.32 -8.53
N VAL A 56 2.93 -0.62 -7.64
CA VAL A 56 2.32 -1.23 -6.50
C VAL A 56 0.86 -1.31 -6.77
N THR A 57 0.27 -2.33 -6.25
CA THR A 57 -1.15 -2.44 -6.19
C THR A 57 -1.52 -3.26 -4.97
N ILE A 58 -1.96 -2.56 -3.97
CA ILE A 58 -2.17 -3.11 -2.65
C ILE A 58 -3.68 -3.10 -2.33
N PRO A 59 -4.40 -4.18 -2.70
CA PRO A 59 -5.81 -4.38 -2.37
C PRO A 59 -6.07 -4.70 -0.90
N LEU A 60 -6.55 -3.72 -0.17
CA LEU A 60 -7.09 -3.94 1.16
C LEU A 60 -8.58 -4.22 1.01
N LYS A 61 -9.29 -4.44 2.11
CA LYS A 61 -10.73 -4.54 2.07
C LYS A 61 -11.27 -3.25 1.51
N ASN A 62 -10.82 -2.20 2.16
CA ASN A 62 -11.37 -0.89 1.97
C ASN A 62 -11.05 -0.34 0.59
N VAL A 63 -9.76 -0.19 0.33
CA VAL A 63 -9.29 0.38 -0.92
C VAL A 63 -8.07 -0.38 -1.45
N THR A 64 -7.87 -0.30 -2.76
CA THR A 64 -6.73 -0.89 -3.42
C THR A 64 -5.80 0.21 -3.94
N LEU A 65 -4.60 0.34 -3.38
CA LEU A 65 -3.69 1.39 -3.84
C LEU A 65 -2.75 0.91 -4.89
N ARG A 66 -2.68 1.66 -5.94
CA ARG A 66 -1.76 1.36 -6.99
C ARG A 66 -0.86 2.54 -7.26
N ALA A 67 0.41 2.25 -7.38
CA ALA A 67 1.40 3.28 -7.73
C ALA A 67 2.39 2.78 -8.76
N GLU A 68 2.33 3.37 -9.93
CA GLU A 68 3.16 2.95 -11.04
C GLU A 68 4.01 4.11 -11.53
N GLU A 69 5.31 4.05 -11.27
CA GLU A 69 6.19 5.17 -11.57
C GLU A 69 7.65 4.71 -11.69
N ARG A 70 8.41 5.42 -12.52
CA ARG A 70 9.84 5.25 -12.58
C ARG A 70 10.50 6.31 -11.71
N ASN A 71 11.10 5.88 -10.62
CA ASN A 71 11.66 6.79 -9.63
C ASN A 71 12.89 6.14 -9.00
N ASP A 72 13.96 6.95 -8.81
CA ASP A 72 15.27 6.45 -8.37
C ASP A 72 15.15 5.43 -7.24
N ASP A 73 14.38 5.78 -6.23
CA ASP A 73 14.16 4.91 -5.08
C ASP A 73 12.83 4.23 -5.14
N LEU A 74 12.98 2.95 -5.30
CA LEU A 74 11.96 1.98 -5.03
C LEU A 74 11.17 2.32 -3.80
N TYR A 75 11.93 2.59 -2.76
CA TYR A 75 11.36 2.71 -1.47
C TYR A 75 10.59 4.01 -1.38
N ALA A 76 10.89 4.89 -2.34
CA ALA A 76 10.22 6.15 -2.49
C ALA A 76 8.95 5.96 -3.27
N GLY A 77 9.00 5.00 -4.18
CA GLY A 77 7.84 4.66 -4.95
C GLY A 77 6.81 3.95 -4.10
N ILE A 78 7.28 2.96 -3.35
CA ILE A 78 6.46 2.28 -2.40
C ILE A 78 6.08 3.23 -1.24
N ASP A 79 6.94 4.19 -0.88
CA ASP A 79 6.57 5.28 0.07
C ASP A 79 5.56 6.19 -0.55
N LEU A 80 5.69 6.44 -1.82
CA LEU A 80 4.66 7.19 -2.51
C LEU A 80 3.35 6.49 -2.26
N ILE A 81 3.33 5.21 -2.56
CA ILE A 81 2.13 4.43 -2.33
C ILE A 81 1.82 4.19 -0.86
N ASN A 82 2.82 4.07 0.00
CA ASN A 82 2.59 3.74 1.42
C ASN A 82 2.13 4.97 2.18
N ASN A 83 2.69 6.08 1.80
CA ASN A 83 2.42 7.33 2.45
C ASN A 83 1.09 7.87 1.92
N LYS A 84 0.89 7.67 0.63
CA LYS A 84 -0.41 7.90 0.01
C LYS A 84 -1.38 6.84 0.49
N LEU A 85 -0.87 5.69 0.92
CA LEU A 85 -1.69 4.64 1.51
C LEU A 85 -2.31 5.18 2.74
N GLU A 86 -1.48 5.68 3.66
CA GLU A 86 -2.00 6.35 4.84
C GLU A 86 -3.02 7.39 4.41
N ARG A 87 -2.61 8.25 3.46
CA ARG A 87 -3.48 9.33 2.97
C ARG A 87 -4.80 8.82 2.37
N GLN A 88 -4.73 7.77 1.58
CA GLN A 88 -5.85 7.36 0.75
C GLN A 88 -6.70 6.40 1.54
N VAL A 89 -6.00 5.53 2.23
CA VAL A 89 -6.62 4.62 3.16
C VAL A 89 -7.47 5.39 4.14
N ARG A 90 -6.90 6.41 4.75
CA ARG A 90 -7.66 7.22 5.71
C ARG A 90 -8.72 8.03 5.00
N LYS A 91 -8.41 8.56 3.82
CA LYS A 91 -9.39 9.32 3.08
C LYS A 91 -10.59 8.45 2.78
N TYR A 92 -10.31 7.25 2.32
CA TYR A 92 -11.34 6.32 1.89
C TYR A 92 -12.14 5.80 3.07
N LYS A 93 -11.45 5.21 4.05
CA LYS A 93 -12.13 4.58 5.18
C LYS A 93 -12.86 5.61 6.02
N THR A 94 -12.23 6.76 6.23
CA THR A 94 -12.83 7.81 7.03
C THR A 94 -13.99 8.47 6.28
N ARG A 95 -13.88 8.60 4.95
CA ARG A 95 -14.98 9.13 4.16
C ARG A 95 -16.14 8.14 4.12
N ILE A 96 -15.84 6.88 3.85
CA ILE A 96 -16.88 5.86 3.75
C ILE A 96 -17.48 5.56 5.13
N ASN A 97 -16.74 5.89 6.18
CA ASN A 97 -17.27 5.78 7.53
C ASN A 97 -18.20 6.95 7.82
N ARG A 98 -17.75 8.15 7.47
CA ARG A 98 -18.48 9.37 7.79
C ARG A 98 -19.68 9.61 6.87
N LYS A 99 -19.86 8.78 5.84
CA LYS A 99 -20.95 8.97 4.89
C LYS A 99 -22.32 8.86 5.56
N SER A 100 -22.34 8.25 6.74
CA SER A 100 -23.56 8.10 7.50
C SER A 100 -23.94 9.42 8.18
N ARG A 101 -22.95 10.07 8.77
CA ARG A 101 -23.18 11.31 9.50
C ARG A 101 -23.10 12.53 8.58
N ASP A 102 -22.08 12.57 7.73
CA ASP A 102 -21.89 13.70 6.82
C ASP A 102 -22.69 13.48 5.56
N ARG A 103 -23.92 14.00 5.55
CA ARG A 103 -24.83 13.80 4.44
C ARG A 103 -24.51 14.73 3.28
N GLY A 104 -24.04 15.93 3.60
CA GLY A 104 -23.89 16.96 2.60
C GLY A 104 -22.45 17.24 2.21
N ASP A 105 -21.64 16.21 2.07
CA ASP A 105 -20.27 16.42 1.57
C ASP A 105 -20.25 16.31 0.06
N GLN A 106 -21.11 15.45 -0.46
CA GLN A 106 -21.31 15.31 -1.90
C GLN A 106 -22.72 15.78 -2.27
N GLU A 107 -23.52 16.07 -1.26
CA GLU A 107 -24.91 16.44 -1.43
C GLU A 107 -25.10 17.92 -1.14
N VAL A 108 -25.93 18.59 -1.95
CA VAL A 108 -26.21 20.01 -1.78
C VAL A 108 -27.57 20.20 -1.11
N PHE A 109 -28.16 19.06 -0.78
CA PHE A 109 -29.45 18.98 -0.10
C PHE A 109 -30.57 19.48 -1.01
N VAL A 110 -30.76 18.77 -2.11
CA VAL A 110 -31.83 19.08 -3.05
C VAL A 110 -33.09 18.33 -2.65
N MET A 1 -4.27 -14.54 5.27
CA MET A 1 -4.35 -13.13 5.72
C MET A 1 -3.56 -12.24 4.76
N ILE A 2 -3.11 -11.09 5.26
CA ILE A 2 -2.28 -10.16 4.51
C ILE A 2 -1.13 -10.88 3.78
N ARG A 3 -1.08 -10.73 2.47
CA ARG A 3 -0.06 -11.30 1.68
C ARG A 3 0.49 -10.30 0.66
N PHE A 4 1.77 -10.38 0.41
CA PHE A 4 2.42 -9.53 -0.56
C PHE A 4 2.75 -10.32 -1.82
N GLU A 5 2.29 -9.81 -2.95
CA GLU A 5 2.50 -10.46 -4.22
C GLU A 5 3.35 -9.58 -5.09
N ILE A 6 4.62 -9.62 -4.82
CA ILE A 6 5.56 -8.76 -5.46
C ILE A 6 6.22 -9.46 -6.62
N HIS A 7 6.32 -8.75 -7.71
CA HIS A 7 7.15 -9.14 -8.82
C HIS A 7 8.26 -8.14 -8.95
N GLY A 8 9.34 -8.37 -8.27
CA GLY A 8 10.35 -7.36 -8.30
C GLY A 8 11.60 -7.81 -9.04
N ASP A 9 11.91 -7.13 -10.14
CA ASP A 9 13.09 -7.46 -10.94
C ASP A 9 14.05 -6.29 -10.98
N ASN A 10 15.11 -6.39 -10.18
CA ASN A 10 16.11 -5.34 -10.11
C ASN A 10 17.44 -5.91 -9.60
N LEU A 11 17.42 -6.49 -8.42
CA LEU A 11 18.60 -7.11 -7.83
C LEU A 11 18.21 -8.47 -7.25
N THR A 12 17.43 -8.41 -6.18
CA THR A 12 16.87 -9.61 -5.58
C THR A 12 15.88 -9.24 -4.49
N ILE A 13 14.65 -9.68 -4.64
CA ILE A 13 13.64 -9.47 -3.61
C ILE A 13 13.79 -10.57 -2.57
N THR A 14 14.83 -10.46 -1.77
CA THR A 14 15.12 -11.46 -0.75
C THR A 14 14.39 -11.14 0.54
N ASP A 15 14.69 -11.89 1.58
CA ASP A 15 14.01 -11.76 2.87
C ASP A 15 14.00 -10.32 3.36
N ALA A 16 15.11 -9.63 3.16
CA ALA A 16 15.26 -8.22 3.55
C ALA A 16 14.06 -7.38 3.16
N ILE A 17 13.83 -7.28 1.87
CA ILE A 17 12.78 -6.44 1.33
C ILE A 17 11.42 -7.02 1.66
N ARG A 18 11.32 -8.34 1.58
CA ARG A 18 10.07 -8.97 1.87
C ARG A 18 9.67 -8.61 3.30
N ASN A 19 10.66 -8.65 4.18
CA ASN A 19 10.54 -8.18 5.53
C ASN A 19 10.13 -6.71 5.51
N TYR A 20 10.95 -5.90 4.85
CA TYR A 20 10.71 -4.45 4.71
C TYR A 20 9.26 -4.15 4.34
N ILE A 21 8.70 -4.97 3.47
CA ILE A 21 7.40 -4.71 2.90
C ILE A 21 6.40 -5.24 3.87
N GLU A 22 6.82 -6.28 4.55
CA GLU A 22 5.94 -6.91 5.49
C GLU A 22 5.74 -5.99 6.67
N GLU A 23 6.78 -5.27 7.00
CA GLU A 23 6.75 -4.30 8.08
C GLU A 23 5.95 -3.09 7.65
N LYS A 24 6.20 -2.63 6.43
CA LYS A 24 5.45 -1.53 5.85
C LYS A 24 3.94 -1.84 5.86
N ILE A 25 3.55 -2.78 5.01
CA ILE A 25 2.16 -3.17 4.85
C ILE A 25 1.62 -3.72 6.16
N GLY A 26 2.50 -4.32 6.95
CA GLY A 26 2.10 -4.80 8.25
C GLY A 26 1.75 -3.68 9.20
N LYS A 27 2.47 -2.56 9.15
CA LYS A 27 2.22 -1.49 10.08
C LYS A 27 1.04 -0.72 9.56
N LEU A 28 0.87 -0.78 8.25
CA LEU A 28 -0.31 -0.21 7.62
C LEU A 28 -1.54 -1.05 7.97
N GLU A 29 -1.39 -2.37 7.89
CA GLU A 29 -2.45 -3.31 8.21
C GLU A 29 -2.86 -3.19 9.67
N ARG A 30 -1.90 -2.96 10.55
CA ARG A 30 -2.19 -2.85 11.98
C ARG A 30 -3.00 -1.61 12.34
N TYR A 31 -3.26 -0.73 11.39
CA TYR A 31 -4.16 0.38 11.63
C TYR A 31 -5.60 -0.10 11.63
N PHE A 32 -5.81 -1.27 11.05
CA PHE A 32 -7.13 -1.80 10.87
C PHE A 32 -7.31 -3.03 11.71
N ASN A 33 -8.54 -3.43 11.91
CA ASN A 33 -8.81 -4.73 12.47
C ASN A 33 -9.72 -5.54 11.55
N ASP A 34 -10.38 -4.85 10.62
CA ASP A 34 -11.30 -5.48 9.73
C ASP A 34 -10.62 -5.97 8.47
N VAL A 35 -9.34 -6.26 8.59
CA VAL A 35 -8.52 -6.62 7.45
C VAL A 35 -7.95 -8.04 7.56
N PRO A 36 -8.71 -9.06 7.11
CA PRO A 36 -8.17 -10.41 6.92
C PRO A 36 -7.47 -10.55 5.58
N ASN A 37 -7.71 -9.58 4.70
CA ASN A 37 -7.17 -9.59 3.34
C ASN A 37 -6.48 -8.27 3.01
N ALA A 38 -5.17 -8.34 2.84
CA ALA A 38 -4.40 -7.18 2.40
C ALA A 38 -3.24 -7.66 1.52
N VAL A 39 -3.23 -7.24 0.26
CA VAL A 39 -2.25 -7.68 -0.68
C VAL A 39 -1.34 -6.52 -1.07
N ALA A 40 -0.14 -6.82 -1.53
CA ALA A 40 0.75 -5.85 -2.15
C ALA A 40 1.29 -6.41 -3.45
N HIS A 41 0.56 -6.20 -4.53
CA HIS A 41 1.01 -6.59 -5.86
C HIS A 41 1.94 -5.51 -6.38
N VAL A 42 3.21 -5.67 -6.14
CA VAL A 42 4.16 -4.66 -6.43
C VAL A 42 5.11 -5.17 -7.47
N LYS A 43 5.64 -4.29 -8.26
CA LYS A 43 6.51 -4.67 -9.38
C LYS A 43 7.52 -3.60 -9.68
N VAL A 44 8.74 -3.94 -9.37
CA VAL A 44 9.86 -3.04 -9.57
C VAL A 44 10.72 -3.59 -10.72
N LYS A 45 11.46 -2.71 -11.36
CA LYS A 45 12.27 -3.04 -12.52
C LYS A 45 13.35 -1.97 -12.74
N THR A 46 14.61 -2.38 -12.78
CA THR A 46 15.70 -1.47 -13.09
C THR A 46 16.95 -2.23 -13.49
N TYR A 47 17.74 -1.63 -14.37
CA TYR A 47 19.09 -2.09 -14.61
C TYR A 47 20.03 -0.90 -14.52
N SER A 48 20.08 -0.34 -13.31
CA SER A 48 20.86 0.83 -13.00
C SER A 48 20.61 1.20 -11.54
N ASN A 49 21.49 2.02 -10.96
CA ASN A 49 21.27 2.50 -9.61
C ASN A 49 20.73 3.93 -9.64
N SER A 50 20.15 4.28 -10.78
CA SER A 50 19.51 5.58 -10.95
C SER A 50 18.02 5.41 -11.18
N ALA A 51 17.59 4.19 -10.97
CA ALA A 51 16.21 3.82 -11.20
C ALA A 51 15.78 2.70 -10.29
N THR A 52 14.51 2.70 -9.98
CA THR A 52 13.83 1.53 -9.60
C THR A 52 12.36 1.67 -10.00
N LYS A 53 12.06 1.28 -11.22
CA LYS A 53 10.72 1.50 -11.76
C LYS A 53 9.73 0.59 -11.09
N ILE A 54 8.75 1.20 -10.45
CA ILE A 54 7.87 0.46 -9.59
C ILE A 54 6.43 0.52 -10.03
N GLU A 55 5.70 -0.46 -9.57
CA GLU A 55 4.30 -0.56 -9.76
C GLU A 55 3.70 -1.22 -8.56
N VAL A 56 3.00 -0.48 -7.77
CA VAL A 56 2.37 -1.04 -6.59
C VAL A 56 0.93 -1.20 -6.90
N THR A 57 0.38 -2.22 -6.34
CA THR A 57 -1.04 -2.35 -6.25
C THR A 57 -1.39 -3.18 -5.04
N ILE A 58 -1.86 -2.51 -4.03
CA ILE A 58 -2.11 -3.11 -2.73
C ILE A 58 -3.65 -3.21 -2.52
N PRO A 59 -4.25 -4.33 -2.95
CA PRO A 59 -5.67 -4.64 -2.70
C PRO A 59 -5.95 -5.19 -1.30
N LEU A 60 -6.61 -4.39 -0.49
CA LEU A 60 -7.22 -4.88 0.73
C LEU A 60 -8.67 -5.20 0.42
N LYS A 61 -9.44 -5.65 1.41
CA LYS A 61 -10.89 -5.71 1.21
C LYS A 61 -11.37 -4.33 0.95
N ASN A 62 -10.95 -3.46 1.86
CA ASN A 62 -11.50 -2.14 1.95
C ASN A 62 -11.19 -1.32 0.72
N VAL A 63 -9.91 -1.11 0.47
CA VAL A 63 -9.48 -0.33 -0.66
C VAL A 63 -8.26 -0.96 -1.33
N THR A 64 -8.13 -0.70 -2.61
CA THR A 64 -6.99 -1.15 -3.39
C THR A 64 -6.21 0.06 -3.91
N LEU A 65 -4.96 0.20 -3.51
CA LEU A 65 -4.13 1.27 -4.05
C LEU A 65 -3.22 0.76 -5.13
N ARG A 66 -2.72 1.68 -5.92
CA ARG A 66 -1.69 1.38 -6.87
C ARG A 66 -0.84 2.61 -7.13
N ALA A 67 0.40 2.35 -7.48
CA ALA A 67 1.33 3.41 -7.87
C ALA A 67 2.38 2.92 -8.87
N GLU A 68 2.36 3.47 -10.07
CA GLU A 68 3.30 3.05 -11.11
C GLU A 68 4.16 4.24 -11.57
N GLU A 69 5.47 4.16 -11.29
CA GLU A 69 6.38 5.25 -11.62
C GLU A 69 7.79 4.74 -11.87
N ARG A 70 8.59 5.53 -12.57
CA ARG A 70 10.00 5.23 -12.77
C ARG A 70 10.82 6.09 -11.82
N ASN A 71 10.73 5.79 -10.54
CA ASN A 71 11.41 6.57 -9.52
C ASN A 71 12.83 6.04 -9.31
N ASP A 72 13.76 6.94 -9.03
CA ASP A 72 15.15 6.59 -8.74
C ASP A 72 15.19 5.62 -7.55
N ASP A 73 14.29 5.84 -6.61
CA ASP A 73 14.14 4.98 -5.45
C ASP A 73 12.81 4.30 -5.46
N LEU A 74 12.94 3.01 -5.61
CA LEU A 74 11.94 2.05 -5.26
C LEU A 74 11.20 2.45 -4.02
N TYR A 75 12.00 2.73 -3.02
CA TYR A 75 11.47 2.90 -1.71
C TYR A 75 10.69 4.20 -1.66
N ALA A 76 11.01 5.07 -2.61
CA ALA A 76 10.39 6.35 -2.73
C ALA A 76 9.10 6.19 -3.50
N GLY A 77 9.09 5.22 -4.40
CA GLY A 77 7.90 4.93 -5.16
C GLY A 77 6.87 4.24 -4.29
N ILE A 78 7.34 3.23 -3.57
CA ILE A 78 6.52 2.55 -2.62
C ILE A 78 6.17 3.47 -1.42
N ASP A 79 7.01 4.46 -1.08
CA ASP A 79 6.63 5.50 -0.08
C ASP A 79 5.74 6.54 -0.71
N LEU A 80 5.80 6.72 -2.00
CA LEU A 80 4.78 7.51 -2.65
C LEU A 80 3.46 6.82 -2.40
N ILE A 81 3.41 5.54 -2.77
CA ILE A 81 2.21 4.76 -2.54
C ILE A 81 1.91 4.57 -1.05
N ASN A 82 2.89 4.23 -0.24
CA ASN A 82 2.69 3.94 1.19
C ASN A 82 2.16 5.16 1.92
N ASN A 83 2.72 6.29 1.60
CA ASN A 83 2.40 7.51 2.26
C ASN A 83 1.05 8.02 1.76
N LYS A 84 0.86 7.86 0.46
CA LYS A 84 -0.43 8.15 -0.16
C LYS A 84 -1.44 7.07 0.25
N LEU A 85 -0.93 5.93 0.67
CA LEU A 85 -1.73 4.83 1.19
C LEU A 85 -2.20 5.19 2.55
N GLU A 86 -1.27 5.59 3.41
CA GLU A 86 -1.64 6.11 4.71
C GLU A 86 -2.75 7.13 4.53
N ARG A 87 -2.53 8.05 3.59
CA ARG A 87 -3.53 9.07 3.29
C ARG A 87 -4.84 8.48 2.76
N GLN A 88 -4.77 7.53 1.83
CA GLN A 88 -5.95 7.08 1.10
C GLN A 88 -6.68 6.08 1.96
N VAL A 89 -5.87 5.27 2.58
CA VAL A 89 -6.32 4.22 3.44
C VAL A 89 -7.02 4.79 4.65
N ARG A 90 -6.46 5.86 5.21
CA ARG A 90 -7.10 6.52 6.35
C ARG A 90 -8.28 7.36 5.88
N LYS A 91 -8.20 7.88 4.65
CA LYS A 91 -9.32 8.60 4.07
C LYS A 91 -10.53 7.69 4.11
N TYR A 92 -10.31 6.53 3.54
CA TYR A 92 -11.35 5.55 3.33
C TYR A 92 -11.81 4.95 4.65
N LYS A 93 -10.88 4.37 5.41
CA LYS A 93 -11.24 3.67 6.63
C LYS A 93 -11.81 4.64 7.67
N THR A 94 -11.22 5.83 7.77
CA THR A 94 -11.68 6.81 8.73
C THR A 94 -13.04 7.37 8.31
N ARG A 95 -13.23 7.58 7.01
CA ARG A 95 -14.51 8.06 6.50
C ARG A 95 -15.61 7.01 6.70
N ILE A 96 -15.29 5.75 6.43
CA ILE A 96 -16.28 4.68 6.56
C ILE A 96 -16.58 4.38 8.03
N ASN A 97 -15.57 4.44 8.89
CA ASN A 97 -15.76 4.24 10.32
C ASN A 97 -16.53 5.41 10.90
N ARG A 98 -16.32 6.59 10.32
CA ARG A 98 -17.01 7.80 10.74
C ARG A 98 -18.53 7.66 10.58
N LYS A 99 -18.95 6.84 9.63
CA LYS A 99 -20.36 6.59 9.40
C LYS A 99 -20.85 5.37 10.18
N SER A 100 -20.05 4.32 10.20
CA SER A 100 -20.44 3.07 10.85
C SER A 100 -20.31 3.17 12.36
N ARG A 101 -19.10 3.40 12.84
CA ARG A 101 -18.83 3.44 14.27
C ARG A 101 -19.25 4.78 14.87
N ASP A 102 -18.79 5.85 14.26
CA ASP A 102 -19.16 7.18 14.71
C ASP A 102 -20.49 7.58 14.08
N ARG A 103 -20.94 8.79 14.37
CA ARG A 103 -22.18 9.30 13.81
C ARG A 103 -21.94 10.58 13.03
N GLY A 104 -20.77 10.66 12.40
CA GLY A 104 -20.44 11.83 11.61
C GLY A 104 -19.86 12.95 12.44
N ASP A 105 -20.72 13.81 12.96
CA ASP A 105 -20.30 14.95 13.80
C ASP A 105 -19.67 14.47 15.09
N GLN A 106 -20.07 13.29 15.54
CA GLN A 106 -19.54 12.70 16.77
C GLN A 106 -18.37 11.77 16.46
N GLU A 107 -17.57 12.16 15.47
CA GLU A 107 -16.39 11.38 15.09
C GLU A 107 -15.30 11.47 16.16
N VAL A 108 -15.46 10.69 17.22
CA VAL A 108 -14.54 10.76 18.35
C VAL A 108 -13.87 9.43 18.62
N PHE A 109 -14.12 8.46 17.77
CA PHE A 109 -13.55 7.13 17.94
C PHE A 109 -12.25 6.99 17.17
N VAL A 110 -12.21 7.55 15.97
CA VAL A 110 -11.02 7.48 15.13
C VAL A 110 -10.15 8.72 15.36
N MET A 1 -6.58 -13.43 3.22
CA MET A 1 -5.21 -13.40 3.80
C MET A 1 -4.58 -12.04 3.60
N ILE A 2 -3.59 -11.72 4.42
CA ILE A 2 -2.82 -10.49 4.26
C ILE A 2 -1.44 -10.85 3.70
N ARG A 3 -1.30 -10.74 2.38
CA ARG A 3 -0.14 -11.22 1.68
C ARG A 3 0.42 -10.20 0.71
N PHE A 4 1.73 -10.26 0.52
CA PHE A 4 2.40 -9.47 -0.49
C PHE A 4 2.72 -10.34 -1.70
N GLU A 5 2.31 -9.89 -2.87
CA GLU A 5 2.58 -10.60 -4.10
C GLU A 5 3.38 -9.72 -5.03
N ILE A 6 4.67 -9.75 -4.79
CA ILE A 6 5.59 -8.86 -5.46
C ILE A 6 6.20 -9.54 -6.66
N HIS A 7 6.36 -8.77 -7.70
CA HIS A 7 7.11 -9.16 -8.87
C HIS A 7 8.19 -8.16 -9.08
N GLY A 8 9.34 -8.40 -8.56
CA GLY A 8 10.33 -7.40 -8.71
C GLY A 8 11.30 -7.71 -9.84
N ASP A 9 11.08 -7.08 -10.99
CA ASP A 9 11.86 -7.38 -12.18
C ASP A 9 13.11 -6.51 -12.21
N ASN A 10 14.11 -6.89 -11.45
CA ASN A 10 15.33 -6.11 -11.33
C ASN A 10 16.56 -7.02 -11.34
N LEU A 11 17.70 -6.48 -10.94
CA LEU A 11 18.93 -7.25 -10.89
C LEU A 11 18.81 -8.42 -9.93
N THR A 12 18.52 -8.14 -8.67
CA THR A 12 18.42 -9.18 -7.66
C THR A 12 17.57 -8.71 -6.48
N ILE A 13 16.53 -9.48 -6.15
CA ILE A 13 15.69 -9.18 -5.01
C ILE A 13 16.32 -9.72 -3.72
N THR A 14 15.87 -9.23 -2.59
CA THR A 14 16.44 -9.62 -1.32
C THR A 14 15.40 -9.55 -0.21
N ASP A 15 15.72 -10.20 0.90
CA ASP A 15 14.82 -10.28 2.04
C ASP A 15 14.71 -8.92 2.73
N ALA A 16 15.61 -8.03 2.35
CA ALA A 16 15.60 -6.64 2.82
C ALA A 16 14.26 -5.99 2.56
N ILE A 17 13.91 -5.90 1.29
CA ILE A 17 12.68 -5.30 0.85
C ILE A 17 11.51 -6.12 1.34
N ARG A 18 11.66 -7.43 1.29
CA ARG A 18 10.62 -8.30 1.74
C ARG A 18 10.28 -7.94 3.18
N ASN A 19 11.35 -7.76 3.96
CA ASN A 19 11.24 -7.25 5.32
C ASN A 19 10.60 -5.86 5.31
N TYR A 20 11.09 -4.97 4.45
CA TYR A 20 10.54 -3.62 4.32
C TYR A 20 9.03 -3.66 4.11
N ILE A 21 8.58 -4.66 3.37
CA ILE A 21 7.19 -4.76 2.98
C ILE A 21 6.48 -5.42 4.11
N GLU A 22 7.24 -6.24 4.80
CA GLU A 22 6.72 -6.97 5.92
C GLU A 22 6.35 -5.98 7.00
N GLU A 23 7.20 -4.97 7.13
CA GLU A 23 7.03 -3.88 8.07
C GLU A 23 5.86 -3.01 7.62
N LYS A 24 5.89 -2.62 6.35
CA LYS A 24 4.81 -1.80 5.79
C LYS A 24 3.46 -2.47 6.02
N ILE A 25 3.25 -3.62 5.38
CA ILE A 25 2.00 -4.35 5.51
C ILE A 25 1.72 -4.66 6.97
N GLY A 26 2.76 -4.94 7.73
CA GLY A 26 2.61 -5.15 9.14
C GLY A 26 2.00 -3.94 9.85
N LYS A 27 2.47 -2.75 9.51
CA LYS A 27 2.03 -1.56 10.20
C LYS A 27 0.67 -1.17 9.70
N LEU A 28 0.44 -1.43 8.44
CA LEU A 28 -0.84 -1.16 7.83
C LEU A 28 -1.90 -2.10 8.38
N GLU A 29 -1.56 -3.37 8.42
CA GLU A 29 -2.44 -4.40 8.94
C GLU A 29 -2.74 -4.15 10.41
N ARG A 30 -1.74 -3.72 11.16
CA ARG A 30 -1.92 -3.49 12.59
C ARG A 30 -2.67 -2.20 12.88
N TYR A 31 -2.99 -1.43 11.84
CA TYR A 31 -3.92 -0.32 12.01
C TYR A 31 -5.33 -0.86 12.18
N PHE A 32 -5.53 -2.07 11.66
CA PHE A 32 -6.83 -2.68 11.65
C PHE A 32 -6.84 -3.87 12.57
N ASN A 33 -8.01 -4.31 12.98
CA ASN A 33 -8.13 -5.61 13.59
C ASN A 33 -9.15 -6.46 12.85
N ASP A 34 -9.71 -5.89 11.80
CA ASP A 34 -10.77 -6.51 11.06
C ASP A 34 -10.40 -6.71 9.60
N VAL A 35 -9.11 -6.83 9.34
CA VAL A 35 -8.62 -6.98 7.98
C VAL A 35 -8.41 -8.45 7.61
N PRO A 36 -9.31 -9.00 6.78
CA PRO A 36 -9.21 -10.38 6.32
C PRO A 36 -8.47 -10.52 4.98
N ASN A 37 -8.16 -9.39 4.36
CA ASN A 37 -7.49 -9.40 3.07
C ASN A 37 -6.68 -8.12 2.87
N ALA A 38 -5.39 -8.28 2.63
CA ALA A 38 -4.52 -7.17 2.30
C ALA A 38 -3.37 -7.67 1.45
N VAL A 39 -3.33 -7.23 0.20
CA VAL A 39 -2.36 -7.70 -0.74
C VAL A 39 -1.44 -6.56 -1.15
N ALA A 40 -0.22 -6.89 -1.56
CA ALA A 40 0.66 -5.91 -2.17
C ALA A 40 1.27 -6.49 -3.44
N HIS A 41 0.59 -6.28 -4.57
CA HIS A 41 1.11 -6.66 -5.86
C HIS A 41 2.05 -5.56 -6.35
N VAL A 42 3.32 -5.71 -6.03
CA VAL A 42 4.28 -4.69 -6.27
C VAL A 42 5.28 -5.17 -7.27
N LYS A 43 5.82 -4.25 -7.98
CA LYS A 43 6.71 -4.56 -9.07
C LYS A 43 7.76 -3.49 -9.18
N VAL A 44 8.93 -3.91 -9.57
CA VAL A 44 10.03 -3.00 -9.73
C VAL A 44 10.77 -3.40 -11.01
N LYS A 45 11.49 -2.47 -11.56
CA LYS A 45 12.24 -2.64 -12.78
C LYS A 45 13.48 -1.76 -12.73
N THR A 46 14.62 -2.40 -12.59
CA THR A 46 15.89 -1.70 -12.60
C THR A 46 17.04 -2.67 -12.86
N TYR A 47 17.60 -2.63 -14.05
CA TYR A 47 18.80 -3.38 -14.33
C TYR A 47 20.00 -2.50 -13.96
N SER A 48 20.09 -2.20 -12.68
CA SER A 48 21.13 -1.37 -12.11
C SER A 48 20.85 -1.20 -10.62
N ASN A 49 21.79 -0.62 -9.89
CA ASN A 49 21.61 -0.39 -8.47
C ASN A 49 21.52 1.11 -8.19
N SER A 50 21.16 1.87 -9.21
CA SER A 50 21.05 3.32 -9.08
C SER A 50 19.72 3.83 -9.63
N ALA A 51 18.85 2.90 -9.92
CA ALA A 51 17.56 3.20 -10.50
C ALA A 51 16.46 2.45 -9.83
N THR A 52 15.24 2.82 -10.18
CA THR A 52 14.10 2.02 -9.91
C THR A 52 12.91 2.45 -10.77
N LYS A 53 12.15 1.47 -11.26
CA LYS A 53 10.82 1.74 -11.79
C LYS A 53 9.82 0.78 -11.16
N ILE A 54 8.88 1.31 -10.42
CA ILE A 54 8.02 0.50 -9.57
C ILE A 54 6.56 0.57 -9.95
N GLU A 55 5.83 -0.42 -9.48
CA GLU A 55 4.43 -0.54 -9.70
C GLU A 55 3.81 -1.24 -8.51
N VAL A 56 3.07 -0.54 -7.71
CA VAL A 56 2.42 -1.13 -6.56
C VAL A 56 1.00 -1.31 -6.88
N THR A 57 0.44 -2.32 -6.35
CA THR A 57 -1.00 -2.47 -6.34
C THR A 57 -1.39 -3.29 -5.13
N ILE A 58 -1.90 -2.60 -4.17
CA ILE A 58 -2.13 -3.15 -2.85
C ILE A 58 -3.64 -3.15 -2.55
N PRO A 59 -4.33 -4.24 -2.94
CA PRO A 59 -5.74 -4.47 -2.59
C PRO A 59 -5.93 -4.82 -1.12
N LEU A 60 -6.34 -3.83 -0.34
CA LEU A 60 -6.73 -4.07 1.02
C LEU A 60 -8.21 -4.41 1.05
N LYS A 61 -8.77 -4.68 2.22
CA LYS A 61 -10.20 -4.83 2.36
C LYS A 61 -10.82 -3.51 1.97
N ASN A 62 -10.33 -2.50 2.66
CA ASN A 62 -10.92 -1.20 2.61
C ASN A 62 -10.84 -0.61 1.21
N VAL A 63 -9.60 -0.47 0.73
CA VAL A 63 -9.35 0.12 -0.56
C VAL A 63 -8.16 -0.56 -1.26
N THR A 64 -8.11 -0.45 -2.58
CA THR A 64 -7.02 -0.97 -3.38
C THR A 64 -6.17 0.19 -3.91
N LEU A 65 -4.90 0.23 -3.57
CA LEU A 65 -4.03 1.29 -4.09
C LEU A 65 -3.10 0.78 -5.17
N ARG A 66 -2.58 1.69 -5.96
CA ARG A 66 -1.61 1.38 -6.98
C ARG A 66 -0.67 2.55 -7.24
N ALA A 67 0.56 2.20 -7.54
CA ALA A 67 1.55 3.18 -8.07
C ALA A 67 2.20 2.57 -9.30
N GLU A 68 2.73 3.40 -10.17
CA GLU A 68 3.41 2.92 -11.35
C GLU A 68 4.37 4.00 -11.85
N GLU A 69 5.50 4.14 -11.17
CA GLU A 69 6.35 5.31 -11.37
C GLU A 69 7.81 4.91 -11.48
N ARG A 70 8.56 5.67 -12.28
CA ARG A 70 9.98 5.40 -12.46
C ARG A 70 10.80 6.21 -11.48
N ASN A 71 10.54 5.99 -10.21
CA ASN A 71 11.26 6.67 -9.14
C ASN A 71 12.49 5.86 -8.76
N ASP A 72 13.66 6.46 -8.91
CA ASP A 72 14.94 5.77 -8.70
C ASP A 72 15.03 5.16 -7.31
N ASP A 73 14.29 5.72 -6.36
CA ASP A 73 14.12 5.11 -5.08
C ASP A 73 12.85 4.35 -5.05
N LEU A 74 13.05 3.09 -5.21
CA LEU A 74 12.10 2.06 -4.92
C LEU A 74 11.30 2.37 -3.70
N TYR A 75 12.04 2.65 -2.64
CA TYR A 75 11.45 2.76 -1.36
C TYR A 75 10.62 4.02 -1.31
N ALA A 76 10.95 4.93 -2.22
CA ALA A 76 10.27 6.20 -2.33
C ALA A 76 9.05 6.03 -3.17
N GLY A 77 9.11 5.09 -4.09
CA GLY A 77 7.98 4.78 -4.91
C GLY A 77 6.92 4.03 -4.12
N ILE A 78 7.37 3.00 -3.44
CA ILE A 78 6.54 2.24 -2.55
C ILE A 78 6.03 3.12 -1.40
N ASP A 79 6.87 4.04 -0.88
CA ASP A 79 6.44 5.05 0.13
C ASP A 79 5.55 6.08 -0.48
N LEU A 80 5.79 6.45 -1.72
CA LEU A 80 4.87 7.34 -2.40
C LEU A 80 3.50 6.69 -2.33
N ILE A 81 3.41 5.46 -2.83
CA ILE A 81 2.18 4.73 -2.70
C ILE A 81 1.78 4.43 -1.24
N ASN A 82 2.73 4.07 -0.37
CA ASN A 82 2.38 3.57 0.97
C ASN A 82 2.04 4.70 1.91
N ASN A 83 2.62 5.84 1.66
CA ASN A 83 2.35 7.01 2.43
C ASN A 83 1.05 7.63 1.91
N LYS A 84 0.91 7.59 0.58
CA LYS A 84 -0.38 7.91 -0.05
C LYS A 84 -1.40 6.84 0.33
N LEU A 85 -0.90 5.68 0.74
CA LEU A 85 -1.75 4.58 1.17
C LEU A 85 -2.36 4.91 2.48
N GLU A 86 -1.54 5.29 3.45
CA GLU A 86 -2.07 5.78 4.70
C GLU A 86 -3.04 6.92 4.41
N ARG A 87 -2.65 7.80 3.48
CA ARG A 87 -3.50 8.91 3.07
C ARG A 87 -4.82 8.43 2.43
N GLN A 88 -4.74 7.40 1.60
CA GLN A 88 -5.88 7.01 0.76
C GLN A 88 -6.75 6.10 1.55
N VAL A 89 -6.09 5.24 2.28
CA VAL A 89 -6.71 4.34 3.19
C VAL A 89 -7.56 5.10 4.18
N ARG A 90 -6.95 6.09 4.81
CA ARG A 90 -7.68 6.91 5.78
C ARG A 90 -8.73 7.74 5.08
N LYS A 91 -8.42 8.24 3.88
CA LYS A 91 -9.39 9.02 3.15
C LYS A 91 -10.64 8.18 2.90
N TYR A 92 -10.41 6.93 2.53
CA TYR A 92 -11.49 6.02 2.21
C TYR A 92 -12.25 5.62 3.49
N LYS A 93 -11.55 5.08 4.47
CA LYS A 93 -12.20 4.61 5.69
C LYS A 93 -12.81 5.77 6.47
N THR A 94 -12.09 6.88 6.55
CA THR A 94 -12.60 8.05 7.23
C THR A 94 -13.83 8.60 6.50
N ARG A 95 -13.78 8.61 5.16
CA ARG A 95 -14.95 9.02 4.37
C ARG A 95 -16.14 8.11 4.61
N ILE A 96 -15.94 6.79 4.47
CA ILE A 96 -17.04 5.85 4.62
C ILE A 96 -17.59 5.86 6.04
N ASN A 97 -16.72 6.08 7.02
CA ASN A 97 -17.15 6.17 8.42
C ASN A 97 -17.79 7.52 8.70
N ARG A 98 -17.42 8.52 7.92
CA ARG A 98 -17.98 9.87 8.07
C ARG A 98 -19.37 9.93 7.45
N LYS A 99 -19.51 9.44 6.22
CA LYS A 99 -20.78 9.52 5.50
C LYS A 99 -21.87 8.66 6.14
N SER A 100 -21.45 7.63 6.88
CA SER A 100 -22.41 6.77 7.56
C SER A 100 -22.88 7.40 8.86
N ARG A 101 -22.19 8.46 9.28
CA ARG A 101 -22.59 9.22 10.47
C ARG A 101 -23.33 10.48 10.04
N ASP A 102 -22.85 11.08 8.97
CA ASP A 102 -23.49 12.26 8.40
C ASP A 102 -23.15 12.38 6.92
N ARG A 103 -24.13 12.74 6.12
CA ARG A 103 -23.96 12.78 4.67
C ARG A 103 -23.30 14.08 4.23
N GLY A 104 -22.99 14.95 5.18
CA GLY A 104 -22.42 16.23 4.85
C GLY A 104 -23.47 17.32 4.87
N ASP A 105 -24.68 16.93 5.26
CA ASP A 105 -25.80 17.87 5.31
C ASP A 105 -25.79 18.61 6.64
N GLN A 106 -25.25 17.97 7.67
CA GLN A 106 -25.13 18.61 8.98
C GLN A 106 -23.75 19.24 9.11
N GLU A 107 -22.71 18.46 8.88
CA GLU A 107 -21.34 18.96 8.94
C GLU A 107 -20.98 19.66 7.64
N VAL A 108 -20.95 20.99 7.67
CA VAL A 108 -20.69 21.77 6.46
C VAL A 108 -19.20 21.92 6.19
N PHE A 109 -18.41 21.25 7.01
CA PHE A 109 -16.96 21.28 6.88
C PHE A 109 -16.43 19.86 6.69
N VAL A 110 -15.35 19.74 5.94
CA VAL A 110 -14.74 18.45 5.68
C VAL A 110 -13.61 18.20 6.68
N MET A 1 -7.47 -12.86 2.40
CA MET A 1 -6.08 -13.18 2.79
C MET A 1 -5.23 -11.92 2.83
N ILE A 2 -4.41 -11.79 3.86
CA ILE A 2 -3.50 -10.65 3.99
C ILE A 2 -2.09 -11.04 3.55
N ARG A 3 -1.73 -10.68 2.33
CA ARG A 3 -0.46 -11.05 1.77
C ARG A 3 0.20 -9.91 1.02
N PHE A 4 1.44 -10.14 0.71
CA PHE A 4 2.22 -9.26 -0.12
C PHE A 4 2.84 -10.05 -1.26
N GLU A 5 2.42 -9.74 -2.48
CA GLU A 5 2.84 -10.49 -3.65
C GLU A 5 3.69 -9.62 -4.54
N ILE A 6 4.96 -9.61 -4.25
CA ILE A 6 5.90 -8.73 -4.87
C ILE A 6 6.69 -9.45 -5.95
N HIS A 7 7.01 -8.72 -6.98
CA HIS A 7 7.97 -9.13 -7.98
C HIS A 7 8.95 -8.03 -8.15
N GLY A 8 10.06 -8.08 -7.44
CA GLY A 8 10.90 -6.95 -7.54
C GLY A 8 12.09 -7.18 -8.46
N ASP A 9 11.96 -6.73 -9.70
CA ASP A 9 13.01 -6.89 -10.70
C ASP A 9 14.02 -5.77 -10.59
N ASN A 10 14.90 -5.87 -9.61
CA ASN A 10 16.00 -4.92 -9.42
C ASN A 10 17.33 -5.67 -9.44
N LEU A 11 17.78 -6.11 -8.28
CA LEU A 11 19.05 -6.82 -8.16
C LEU A 11 18.89 -8.01 -7.22
N THR A 12 19.15 -7.79 -5.95
CA THR A 12 19.02 -8.83 -4.97
C THR A 12 17.78 -8.62 -4.10
N ILE A 13 16.66 -9.18 -4.52
CA ILE A 13 15.43 -9.12 -3.74
C ILE A 13 15.49 -10.19 -2.65
N THR A 14 16.29 -9.93 -1.64
CA THR A 14 16.54 -10.90 -0.59
C THR A 14 15.43 -10.88 0.46
N ASP A 15 15.52 -11.80 1.42
CA ASP A 15 14.52 -11.90 2.49
C ASP A 15 14.54 -10.64 3.35
N ALA A 16 15.66 -9.93 3.30
CA ALA A 16 15.80 -8.63 3.95
C ALA A 16 14.68 -7.68 3.56
N ILE A 17 14.58 -7.44 2.27
CA ILE A 17 13.59 -6.55 1.70
C ILE A 17 12.21 -7.13 1.87
N ARG A 18 12.12 -8.43 1.63
CA ARG A 18 10.88 -9.12 1.77
C ARG A 18 10.33 -8.85 3.16
N ASN A 19 11.22 -8.99 4.15
CA ASN A 19 10.93 -8.61 5.52
C ASN A 19 10.62 -7.12 5.61
N TYR A 20 11.51 -6.30 5.06
CA TYR A 20 11.33 -4.84 5.04
C TYR A 20 9.89 -4.46 4.66
N ILE A 21 9.37 -5.15 3.65
CA ILE A 21 8.10 -4.79 3.08
C ILE A 21 7.05 -5.48 3.89
N GLU A 22 7.45 -6.62 4.44
CA GLU A 22 6.55 -7.41 5.21
C GLU A 22 6.16 -6.62 6.45
N GLU A 23 7.14 -5.89 6.94
CA GLU A 23 6.98 -5.04 8.11
C GLU A 23 6.24 -3.77 7.72
N LYS A 24 6.65 -3.16 6.61
CA LYS A 24 5.96 -1.97 6.11
C LYS A 24 4.47 -2.27 5.90
N ILE A 25 4.18 -3.25 5.05
CA ILE A 25 2.81 -3.66 4.78
C ILE A 25 2.13 -4.13 6.07
N GLY A 26 2.90 -4.82 6.90
CA GLY A 26 2.39 -5.23 8.19
C GLY A 26 2.00 -4.05 9.07
N LYS A 27 2.74 -2.94 8.94
CA LYS A 27 2.49 -1.79 9.79
C LYS A 27 1.34 -1.01 9.21
N LEU A 28 1.20 -1.11 7.90
CA LEU A 28 0.03 -0.56 7.24
C LEU A 28 -1.20 -1.35 7.61
N GLU A 29 -1.02 -2.67 7.68
CA GLU A 29 -2.04 -3.59 8.12
C GLU A 29 -2.42 -3.30 9.57
N ARG A 30 -1.43 -2.87 10.36
CA ARG A 30 -1.66 -2.54 11.77
C ARG A 30 -2.59 -1.35 11.95
N TYR A 31 -2.84 -0.59 10.88
CA TYR A 31 -3.84 0.48 10.96
C TYR A 31 -5.23 -0.12 11.07
N PHE A 32 -5.34 -1.40 10.72
CA PHE A 32 -6.60 -2.07 10.71
C PHE A 32 -6.63 -3.14 11.76
N ASN A 33 -7.81 -3.55 12.16
CA ASN A 33 -7.95 -4.74 12.97
C ASN A 33 -8.92 -5.73 12.33
N ASP A 34 -9.88 -5.20 11.59
CA ASP A 34 -10.88 -6.01 10.94
C ASP A 34 -10.44 -6.45 9.56
N VAL A 35 -9.14 -6.56 9.35
CA VAL A 35 -8.60 -6.85 8.04
C VAL A 35 -8.24 -8.33 7.86
N PRO A 36 -9.08 -9.09 7.13
CA PRO A 36 -8.78 -10.45 6.73
C PRO A 36 -8.22 -10.53 5.31
N ASN A 37 -8.22 -9.40 4.61
CA ASN A 37 -7.77 -9.36 3.23
C ASN A 37 -7.07 -8.05 2.92
N ALA A 38 -5.83 -8.17 2.47
CA ALA A 38 -4.98 -7.03 2.13
C ALA A 38 -3.76 -7.54 1.37
N VAL A 39 -3.61 -7.11 0.13
CA VAL A 39 -2.55 -7.58 -0.72
C VAL A 39 -1.64 -6.42 -1.11
N ALA A 40 -0.38 -6.73 -1.42
CA ALA A 40 0.53 -5.78 -2.04
C ALA A 40 1.22 -6.43 -3.22
N HIS A 41 0.61 -6.32 -4.38
CA HIS A 41 1.20 -6.80 -5.61
C HIS A 41 2.12 -5.71 -6.15
N VAL A 42 3.40 -5.84 -5.90
CA VAL A 42 4.32 -4.79 -6.16
C VAL A 42 5.41 -5.28 -7.05
N LYS A 43 5.87 -4.43 -7.91
CA LYS A 43 6.86 -4.84 -8.90
C LYS A 43 7.74 -3.68 -9.29
N VAL A 44 8.99 -3.83 -8.97
CA VAL A 44 10.01 -2.87 -9.30
C VAL A 44 10.79 -3.41 -10.50
N LYS A 45 11.42 -2.52 -11.23
CA LYS A 45 12.09 -2.85 -12.47
C LYS A 45 13.18 -1.82 -12.73
N THR A 46 14.42 -2.25 -12.72
CA THR A 46 15.54 -1.36 -13.00
C THR A 46 16.79 -2.15 -13.33
N TYR A 47 17.67 -1.54 -14.10
CA TYR A 47 19.03 -2.02 -14.25
C TYR A 47 19.95 -0.82 -14.21
N SER A 48 20.00 -0.18 -13.06
CA SER A 48 20.71 1.06 -12.86
C SER A 48 20.54 1.52 -11.41
N ASN A 49 21.54 2.24 -10.90
CA ASN A 49 21.48 2.77 -9.54
C ASN A 49 20.70 4.07 -9.52
N SER A 50 20.30 4.53 -10.69
CA SER A 50 19.58 5.79 -10.83
C SER A 50 18.10 5.56 -11.06
N ALA A 51 17.70 4.32 -10.91
CA ALA A 51 16.33 3.93 -11.17
C ALA A 51 15.86 2.86 -10.23
N THR A 52 14.57 2.87 -9.96
CA THR A 52 13.86 1.73 -9.54
C THR A 52 12.40 1.88 -9.91
N LYS A 53 12.01 1.45 -11.11
CA LYS A 53 10.67 1.69 -11.60
C LYS A 53 9.68 0.74 -10.95
N ILE A 54 8.64 1.27 -10.37
CA ILE A 54 7.75 0.48 -9.56
C ILE A 54 6.35 0.44 -10.08
N GLU A 55 5.63 -0.56 -9.61
CA GLU A 55 4.24 -0.67 -9.80
C GLU A 55 3.69 -1.42 -8.61
N VAL A 56 2.99 -0.72 -7.78
CA VAL A 56 2.38 -1.30 -6.61
C VAL A 56 0.94 -1.49 -6.93
N THR A 57 0.38 -2.48 -6.35
CA THR A 57 -1.06 -2.66 -6.39
C THR A 57 -1.47 -3.39 -5.13
N ILE A 58 -2.09 -2.67 -4.25
CA ILE A 58 -2.34 -3.12 -2.90
C ILE A 58 -3.86 -3.17 -2.64
N PRO A 59 -4.52 -4.29 -2.99
CA PRO A 59 -5.93 -4.54 -2.67
C PRO A 59 -6.19 -4.78 -1.18
N LEU A 60 -6.65 -3.74 -0.50
CA LEU A 60 -7.12 -3.87 0.85
C LEU A 60 -8.62 -4.10 0.80
N LYS A 61 -9.29 -4.23 1.95
CA LYS A 61 -10.74 -4.35 1.95
C LYS A 61 -11.33 -3.12 1.31
N ASN A 62 -11.03 -2.01 1.96
CA ASN A 62 -11.71 -0.79 1.70
C ASN A 62 -11.34 -0.22 0.35
N VAL A 63 -10.05 -0.21 0.05
CA VAL A 63 -9.54 0.34 -1.18
C VAL A 63 -8.37 -0.48 -1.72
N THR A 64 -8.24 -0.47 -3.02
CA THR A 64 -7.15 -1.15 -3.71
C THR A 64 -6.23 -0.11 -4.34
N LEU A 65 -5.08 0.14 -3.73
CA LEU A 65 -4.16 1.13 -4.27
C LEU A 65 -3.29 0.54 -5.34
N ARG A 66 -2.68 1.42 -6.09
CA ARG A 66 -1.67 1.05 -7.07
C ARG A 66 -0.86 2.27 -7.40
N ALA A 67 0.39 2.04 -7.64
CA ALA A 67 1.32 3.11 -8.03
C ALA A 67 2.32 2.63 -9.06
N GLU A 68 2.20 3.14 -10.25
CA GLU A 68 3.08 2.75 -11.35
C GLU A 68 3.94 3.94 -11.77
N GLU A 69 5.14 4.02 -11.21
CA GLU A 69 5.98 5.20 -11.37
C GLU A 69 7.44 4.81 -11.57
N ARG A 70 8.20 5.64 -12.27
CA ARG A 70 9.62 5.41 -12.41
C ARG A 70 10.40 6.39 -11.53
N ASN A 71 10.61 6.01 -10.29
CA ASN A 71 11.40 6.82 -9.38
C ASN A 71 12.80 6.25 -9.29
N ASP A 72 13.73 7.04 -8.77
CA ASP A 72 15.11 6.60 -8.60
C ASP A 72 15.22 5.79 -7.30
N ASP A 73 14.18 5.87 -6.49
CA ASP A 73 14.02 5.03 -5.32
C ASP A 73 12.72 4.31 -5.36
N LEU A 74 12.88 3.03 -5.50
CA LEU A 74 11.89 2.05 -5.21
C LEU A 74 11.09 2.41 -4.00
N TYR A 75 11.84 2.70 -2.96
CA TYR A 75 11.27 2.83 -1.67
C TYR A 75 10.48 4.12 -1.62
N ALA A 76 10.81 5.01 -2.56
CA ALA A 76 10.14 6.28 -2.71
C ALA A 76 8.90 6.07 -3.52
N GLY A 77 8.95 5.08 -4.39
CA GLY A 77 7.79 4.74 -5.18
C GLY A 77 6.74 4.05 -4.34
N ILE A 78 7.20 3.07 -3.55
CA ILE A 78 6.36 2.42 -2.61
C ILE A 78 5.96 3.39 -1.47
N ASP A 79 6.82 4.37 -1.11
CA ASP A 79 6.42 5.44 -0.16
C ASP A 79 5.54 6.45 -0.84
N LEU A 80 5.61 6.53 -2.14
CA LEU A 80 4.59 7.27 -2.84
C LEU A 80 3.28 6.57 -2.56
N ILE A 81 3.23 5.28 -2.89
CA ILE A 81 2.01 4.52 -2.65
C ILE A 81 1.67 4.32 -1.18
N ASN A 82 2.67 4.20 -0.31
CA ASN A 82 2.45 3.93 1.11
C ASN A 82 1.94 5.17 1.80
N ASN A 83 2.56 6.27 1.47
CA ASN A 83 2.24 7.51 2.11
C ASN A 83 0.93 8.06 1.54
N LYS A 84 0.76 7.85 0.25
CA LYS A 84 -0.51 8.10 -0.41
C LYS A 84 -1.54 7.07 0.07
N LEU A 85 -1.05 5.91 0.49
CA LEU A 85 -1.89 4.85 1.07
C LEU A 85 -2.46 5.37 2.35
N GLU A 86 -1.59 5.78 3.25
CA GLU A 86 -2.04 6.37 4.49
C GLU A 86 -3.07 7.46 4.17
N ARG A 87 -2.70 8.36 3.26
CA ARG A 87 -3.60 9.45 2.86
C ARG A 87 -4.92 8.94 2.29
N GLN A 88 -4.86 7.89 1.46
CA GLN A 88 -6.00 7.47 0.66
C GLN A 88 -6.84 6.51 1.44
N VAL A 89 -6.15 5.53 1.96
CA VAL A 89 -6.70 4.57 2.87
C VAL A 89 -7.47 5.26 3.98
N ARG A 90 -6.84 6.25 4.59
CA ARG A 90 -7.50 7.01 5.65
C ARG A 90 -8.63 7.85 5.09
N LYS A 91 -8.40 8.53 3.96
CA LYS A 91 -9.43 9.36 3.34
C LYS A 91 -10.67 8.52 3.16
N TYR A 92 -10.45 7.29 2.74
CA TYR A 92 -11.51 6.39 2.36
C TYR A 92 -12.15 5.76 3.59
N LYS A 93 -11.34 5.14 4.45
CA LYS A 93 -11.85 4.46 5.62
C LYS A 93 -12.50 5.46 6.56
N THR A 94 -11.90 6.64 6.67
CA THR A 94 -12.44 7.68 7.51
C THR A 94 -13.71 8.28 6.89
N ARG A 95 -13.70 8.48 5.56
CA ARG A 95 -14.91 8.92 4.86
C ARG A 95 -16.06 7.94 5.12
N ILE A 96 -15.84 6.66 4.82
CA ILE A 96 -16.90 5.67 4.93
C ILE A 96 -17.29 5.44 6.38
N ASN A 97 -16.32 5.52 7.30
CA ASN A 97 -16.59 5.35 8.72
C ASN A 97 -17.48 6.48 9.22
N ARG A 98 -17.14 7.71 8.84
CA ARG A 98 -17.91 8.88 9.22
C ARG A 98 -19.30 8.86 8.60
N LYS A 99 -19.43 8.21 7.45
CA LYS A 99 -20.72 8.11 6.78
C LYS A 99 -21.46 6.83 7.19
N SER A 100 -20.86 6.04 8.05
CA SER A 100 -21.46 4.77 8.45
C SER A 100 -22.09 4.85 9.83
N ARG A 101 -21.33 5.32 10.82
CA ARG A 101 -21.78 5.26 12.20
C ARG A 101 -22.01 6.66 12.80
N ASP A 102 -22.06 7.67 11.94
CA ASP A 102 -22.19 9.06 12.41
C ASP A 102 -23.46 9.26 13.23
N ARG A 103 -23.28 9.38 14.53
CA ARG A 103 -24.37 9.68 15.45
C ARG A 103 -24.05 10.98 16.17
N GLY A 104 -23.07 11.70 15.61
CA GLY A 104 -22.59 12.90 16.24
C GLY A 104 -21.25 12.67 16.92
N ASP A 105 -20.36 13.65 16.83
CA ASP A 105 -19.06 13.53 17.48
C ASP A 105 -19.20 13.94 18.95
N GLN A 106 -20.27 14.65 19.24
CA GLN A 106 -20.59 15.04 20.61
C GLN A 106 -21.81 14.26 21.09
N GLU A 107 -22.82 14.18 20.22
CA GLU A 107 -24.03 13.42 20.51
C GLU A 107 -23.73 11.93 20.49
N VAL A 108 -24.42 11.18 21.35
CA VAL A 108 -24.21 9.73 21.42
C VAL A 108 -25.51 8.99 21.11
N PHE A 109 -26.39 9.63 20.34
CA PHE A 109 -27.68 9.05 20.05
C PHE A 109 -28.13 9.40 18.64
N VAL A 110 -29.16 8.72 18.18
CA VAL A 110 -29.72 8.97 16.86
C VAL A 110 -31.23 9.15 16.98
N MET A 1 -7.08 -13.09 3.42
CA MET A 1 -5.71 -13.58 3.69
C MET A 1 -4.69 -12.50 3.34
N ILE A 2 -3.78 -12.22 4.26
CA ILE A 2 -2.72 -11.25 4.01
C ILE A 2 -1.66 -11.88 3.10
N ARG A 3 -1.54 -11.37 1.89
CA ARG A 3 -0.67 -11.93 0.92
C ARG A 3 0.21 -10.87 0.28
N PHE A 4 1.21 -11.32 -0.44
CA PHE A 4 2.11 -10.45 -1.17
C PHE A 4 2.25 -10.96 -2.59
N GLU A 5 1.98 -10.11 -3.57
CA GLU A 5 2.12 -10.49 -4.96
C GLU A 5 3.06 -9.54 -5.64
N ILE A 6 4.32 -9.77 -5.41
CA ILE A 6 5.33 -8.93 -5.95
C ILE A 6 5.86 -9.52 -7.22
N HIS A 7 5.92 -8.71 -8.23
CA HIS A 7 6.61 -9.03 -9.46
C HIS A 7 7.79 -8.11 -9.57
N GLY A 8 8.90 -8.52 -9.04
CA GLY A 8 9.98 -7.59 -9.02
C GLY A 8 11.09 -7.93 -9.98
N ASP A 9 11.34 -7.03 -10.93
CA ASP A 9 12.43 -7.20 -11.88
C ASP A 9 13.67 -6.49 -11.37
N ASN A 10 14.51 -7.24 -10.68
CA ASN A 10 15.76 -6.72 -10.15
C ASN A 10 16.92 -7.57 -10.64
N LEU A 11 18.14 -7.21 -10.24
CA LEU A 11 19.30 -8.05 -10.52
C LEU A 11 19.13 -9.39 -9.80
N THR A 12 18.55 -9.31 -8.62
CA THR A 12 18.20 -10.49 -7.85
C THR A 12 17.14 -10.12 -6.80
N ILE A 13 16.11 -10.93 -6.68
CA ILE A 13 15.07 -10.71 -5.69
C ILE A 13 15.39 -11.43 -4.39
N THR A 14 15.72 -10.67 -3.37
CA THR A 14 16.19 -11.24 -2.12
C THR A 14 15.16 -11.10 -1.02
N ASP A 15 15.47 -11.68 0.15
CA ASP A 15 14.60 -11.56 1.31
C ASP A 15 14.53 -10.13 1.79
N ALA A 16 15.58 -9.37 1.46
CA ALA A 16 15.67 -7.95 1.82
C ALA A 16 14.39 -7.19 1.48
N ILE A 17 14.11 -7.12 0.19
CA ILE A 17 12.95 -6.40 -0.31
C ILE A 17 11.67 -7.06 0.14
N ARG A 18 11.65 -8.38 0.06
CA ARG A 18 10.47 -9.11 0.41
C ARG A 18 10.09 -8.79 1.85
N ASN A 19 11.08 -8.85 2.73
CA ASN A 19 10.93 -8.43 4.11
C ASN A 19 10.57 -6.96 4.16
N TYR A 20 11.30 -6.15 3.39
CA TYR A 20 11.07 -4.70 3.31
C TYR A 20 9.59 -4.40 3.08
N ILE A 21 8.98 -5.18 2.19
CA ILE A 21 7.61 -4.97 1.76
C ILE A 21 6.74 -5.58 2.79
N GLU A 22 7.30 -6.60 3.42
CA GLU A 22 6.60 -7.32 4.43
C GLU A 22 6.40 -6.39 5.63
N GLU A 23 7.39 -5.54 5.82
CA GLU A 23 7.37 -4.54 6.86
C GLU A 23 6.43 -3.41 6.46
N LYS A 24 6.46 -3.02 5.17
CA LYS A 24 5.47 -2.06 4.66
C LYS A 24 4.08 -2.54 5.02
N ILE A 25 3.70 -3.70 4.50
CA ILE A 25 2.39 -4.28 4.78
C ILE A 25 2.19 -4.48 6.28
N GLY A 26 3.26 -4.75 7.00
CA GLY A 26 3.18 -4.84 8.44
C GLY A 26 2.77 -3.53 9.08
N LYS A 27 3.32 -2.43 8.57
CA LYS A 27 3.04 -1.13 9.15
C LYS A 27 1.67 -0.68 8.71
N LEU A 28 1.31 -1.11 7.51
CA LEU A 28 0.00 -0.82 6.96
C LEU A 28 -1.06 -1.63 7.70
N GLU A 29 -0.72 -2.89 7.95
CA GLU A 29 -1.58 -3.80 8.72
C GLU A 29 -1.82 -3.22 10.10
N ARG A 30 -0.77 -2.72 10.73
CA ARG A 30 -0.87 -2.19 12.08
C ARG A 30 -1.71 -0.92 12.18
N TYR A 31 -2.12 -0.37 11.05
CA TYR A 31 -3.07 0.74 11.08
C TYR A 31 -4.43 0.20 11.49
N PHE A 32 -4.63 -1.10 11.31
CA PHE A 32 -5.88 -1.74 11.58
C PHE A 32 -5.70 -2.79 12.65
N ASN A 33 -6.81 -3.23 13.23
CA ASN A 33 -6.79 -4.43 14.04
C ASN A 33 -7.82 -5.42 13.51
N ASP A 34 -8.45 -5.05 12.40
CA ASP A 34 -9.52 -5.81 11.83
C ASP A 34 -9.21 -6.24 10.40
N VAL A 35 -7.93 -6.37 10.09
CA VAL A 35 -7.50 -6.69 8.75
C VAL A 35 -7.21 -8.19 8.57
N PRO A 36 -8.11 -8.92 7.90
CA PRO A 36 -7.90 -10.30 7.50
C PRO A 36 -7.41 -10.40 6.05
N ASN A 37 -7.42 -9.27 5.35
CA ASN A 37 -7.04 -9.24 3.95
C ASN A 37 -6.20 -8.02 3.64
N ALA A 38 -4.99 -8.25 3.16
CA ALA A 38 -4.09 -7.19 2.74
C ALA A 38 -3.03 -7.78 1.82
N VAL A 39 -2.97 -7.31 0.59
CA VAL A 39 -2.04 -7.80 -0.37
C VAL A 39 -1.10 -6.68 -0.82
N ALA A 40 0.09 -7.01 -1.27
CA ALA A 40 0.92 -6.04 -1.95
C ALA A 40 1.33 -6.58 -3.32
N HIS A 41 0.53 -6.29 -4.32
CA HIS A 41 0.85 -6.62 -5.69
C HIS A 41 1.75 -5.53 -6.24
N VAL A 42 3.05 -5.73 -6.09
CA VAL A 42 4.02 -4.71 -6.35
C VAL A 42 4.86 -5.17 -7.52
N LYS A 43 5.38 -4.24 -8.25
CA LYS A 43 6.19 -4.54 -9.41
C LYS A 43 7.32 -3.55 -9.49
N VAL A 44 8.47 -4.01 -9.08
CA VAL A 44 9.66 -3.20 -9.01
C VAL A 44 10.53 -3.55 -10.20
N LYS A 45 11.40 -2.64 -10.55
CA LYS A 45 12.26 -2.76 -11.71
C LYS A 45 13.49 -1.91 -11.47
N THR A 46 14.67 -2.49 -11.64
CA THR A 46 15.89 -1.73 -11.44
C THR A 46 17.08 -2.37 -12.16
N TYR A 47 17.92 -1.51 -12.70
CA TYR A 47 19.21 -1.90 -13.24
C TYR A 47 20.11 -0.67 -13.25
N SER A 48 20.47 -0.23 -12.06
CA SER A 48 21.26 0.97 -11.87
C SER A 48 21.81 0.98 -10.45
N ASN A 49 22.51 2.03 -10.09
CA ASN A 49 23.18 2.10 -8.79
C ASN A 49 22.19 2.04 -7.63
N SER A 50 21.19 2.92 -7.62
CA SER A 50 20.26 2.99 -6.49
C SER A 50 18.81 3.00 -6.94
N ALA A 51 18.61 2.76 -8.21
CA ALA A 51 17.27 2.85 -8.80
C ALA A 51 16.29 1.93 -8.13
N THR A 52 15.03 2.31 -8.16
CA THR A 52 13.99 1.37 -7.94
C THR A 52 12.68 1.84 -8.55
N LYS A 53 12.40 1.38 -9.76
CA LYS A 53 11.17 1.75 -10.45
C LYS A 53 10.06 0.80 -10.03
N ILE A 54 9.05 1.33 -9.39
CA ILE A 54 8.07 0.50 -8.72
C ILE A 54 6.66 0.69 -9.22
N GLU A 55 5.86 -0.31 -8.90
CA GLU A 55 4.46 -0.27 -9.12
C GLU A 55 3.76 -1.04 -8.02
N VAL A 56 3.10 -0.35 -7.15
CA VAL A 56 2.46 -0.99 -6.01
C VAL A 56 1.00 -1.12 -6.32
N THR A 57 0.45 -2.20 -5.91
CA THR A 57 -0.99 -2.36 -5.88
C THR A 57 -1.34 -3.25 -4.70
N ILE A 58 -1.73 -2.61 -3.65
CA ILE A 58 -1.90 -3.23 -2.35
C ILE A 58 -3.41 -3.27 -2.00
N PRO A 59 -4.10 -4.36 -2.36
CA PRO A 59 -5.49 -4.61 -1.95
C PRO A 59 -5.62 -4.92 -0.46
N LEU A 60 -6.09 -3.94 0.29
CA LEU A 60 -6.44 -4.10 1.68
C LEU A 60 -7.89 -4.55 1.74
N LYS A 61 -8.45 -4.68 2.95
CA LYS A 61 -9.82 -5.12 3.11
C LYS A 61 -10.72 -4.22 2.32
N ASN A 62 -10.65 -2.96 2.72
CA ASN A 62 -11.62 -1.99 2.31
C ASN A 62 -11.24 -1.36 0.97
N VAL A 63 -9.97 -1.00 0.85
CA VAL A 63 -9.48 -0.27 -0.31
C VAL A 63 -8.22 -0.92 -0.89
N THR A 64 -8.03 -0.74 -2.18
CA THR A 64 -6.86 -1.24 -2.88
C THR A 64 -6.08 -0.07 -3.46
N LEU A 65 -4.81 0.07 -3.10
CA LEU A 65 -4.00 1.17 -3.65
C LEU A 65 -3.07 0.71 -4.71
N ARG A 66 -2.81 1.63 -5.61
CA ARG A 66 -1.84 1.47 -6.62
C ARG A 66 -0.95 2.69 -6.68
N ALA A 67 0.34 2.47 -6.81
CA ALA A 67 1.27 3.57 -7.04
C ALA A 67 2.39 3.15 -8.00
N GLU A 68 2.52 3.85 -9.10
CA GLU A 68 3.47 3.48 -10.12
C GLU A 68 4.43 4.63 -10.41
N GLU A 69 5.69 4.44 -10.07
CA GLU A 69 6.68 5.49 -10.26
C GLU A 69 8.06 4.90 -10.55
N ARG A 70 8.70 5.40 -11.59
CA ARG A 70 10.03 4.97 -11.96
C ARG A 70 11.07 5.89 -11.32
N ASN A 71 11.11 5.85 -10.01
CA ASN A 71 11.99 6.73 -9.24
C ASN A 71 13.29 6.00 -8.93
N ASP A 72 14.24 6.71 -8.34
CA ASP A 72 15.50 6.10 -7.93
C ASP A 72 15.46 5.80 -6.44
N ASP A 73 14.26 5.65 -5.93
CA ASP A 73 14.02 5.34 -4.54
C ASP A 73 12.72 4.65 -4.40
N LEU A 74 12.87 3.36 -4.28
CA LEU A 74 11.86 2.46 -3.86
C LEU A 74 11.01 3.05 -2.78
N TYR A 75 11.69 3.56 -1.77
CA TYR A 75 11.03 3.94 -0.58
C TYR A 75 10.17 5.15 -0.84
N ALA A 76 10.51 5.83 -1.93
CA ALA A 76 9.80 7.02 -2.36
C ALA A 76 8.57 6.59 -3.11
N GLY A 77 8.70 5.48 -3.81
CA GLY A 77 7.57 4.94 -4.52
C GLY A 77 6.57 4.34 -3.56
N ILE A 78 7.08 3.49 -2.68
CA ILE A 78 6.28 2.89 -1.66
C ILE A 78 5.81 3.96 -0.63
N ASP A 79 6.52 5.10 -0.51
CA ASP A 79 6.05 6.27 0.28
C ASP A 79 4.99 7.00 -0.47
N LEU A 80 5.16 7.14 -1.77
CA LEU A 80 4.10 7.68 -2.58
C LEU A 80 2.85 6.88 -2.28
N ILE A 81 3.01 5.56 -2.20
CA ILE A 81 1.89 4.72 -1.89
C ILE A 81 1.53 4.70 -0.40
N ASN A 82 2.49 4.69 0.50
CA ASN A 82 2.22 4.66 1.95
C ASN A 82 1.55 5.95 2.38
N ASN A 83 2.00 7.02 1.78
CA ASN A 83 1.58 8.33 2.13
C ASN A 83 0.24 8.65 1.45
N LYS A 84 0.14 8.24 0.19
CA LYS A 84 -1.14 8.24 -0.51
C LYS A 84 -2.06 7.19 0.12
N LEU A 85 -1.46 6.24 0.81
CA LEU A 85 -2.23 5.22 1.53
C LEU A 85 -2.93 5.87 2.66
N GLU A 86 -2.20 6.64 3.44
CA GLU A 86 -2.83 7.45 4.45
C GLU A 86 -3.93 8.28 3.79
N ARG A 87 -3.58 8.93 2.68
CA ARG A 87 -4.55 9.75 1.95
C ARG A 87 -5.77 8.95 1.49
N GLN A 88 -5.54 7.76 0.97
CA GLN A 88 -6.56 7.03 0.22
C GLN A 88 -7.33 6.18 1.17
N VAL A 89 -6.58 5.58 2.06
CA VAL A 89 -7.14 4.78 3.11
C VAL A 89 -8.07 5.62 3.94
N ARG A 90 -7.61 6.82 4.31
CA ARG A 90 -8.47 7.74 5.06
C ARG A 90 -9.62 8.22 4.20
N LYS A 91 -9.36 8.53 2.93
CA LYS A 91 -10.40 9.00 2.05
C LYS A 91 -11.51 7.97 1.99
N TYR A 92 -11.10 6.74 1.76
CA TYR A 92 -12.02 5.64 1.58
C TYR A 92 -12.72 5.29 2.89
N LYS A 93 -11.94 5.02 3.93
CA LYS A 93 -12.51 4.58 5.21
C LYS A 93 -13.35 5.69 5.83
N THR A 94 -12.86 6.92 5.77
CA THR A 94 -13.56 8.02 6.37
C THR A 94 -14.84 8.34 5.58
N ARG A 95 -14.75 8.32 4.25
CA ARG A 95 -15.92 8.57 3.43
C ARG A 95 -16.96 7.46 3.58
N ILE A 96 -16.50 6.21 3.69
CA ILE A 96 -17.42 5.09 3.81
C ILE A 96 -17.98 5.01 5.24
N ASN A 97 -17.19 5.41 6.23
CA ASN A 97 -17.66 5.46 7.62
C ASN A 97 -18.68 6.58 7.78
N ARG A 98 -18.45 7.68 7.08
CA ARG A 98 -19.41 8.79 7.08
C ARG A 98 -20.60 8.47 6.19
N LYS A 99 -20.51 7.38 5.45
CA LYS A 99 -21.61 6.95 4.60
C LYS A 99 -22.52 5.99 5.35
N SER A 100 -21.90 5.05 6.05
CA SER A 100 -22.64 4.02 6.76
C SER A 100 -23.14 4.52 8.12
N ARG A 101 -22.25 5.16 8.88
CA ARG A 101 -22.59 5.62 10.21
C ARG A 101 -23.00 7.08 10.19
N ASP A 102 -22.04 7.96 9.92
CA ASP A 102 -22.27 9.40 9.85
C ASP A 102 -22.88 9.92 11.16
N ARG A 103 -22.10 9.84 12.22
CA ARG A 103 -22.56 10.29 13.53
C ARG A 103 -21.64 11.38 14.05
N GLY A 104 -21.09 12.16 13.14
CA GLY A 104 -20.09 13.13 13.52
C GLY A 104 -18.80 12.43 13.87
N ASP A 105 -18.45 11.46 13.04
CA ASP A 105 -17.28 10.60 13.27
C ASP A 105 -15.98 11.40 13.33
N GLN A 106 -16.03 12.60 12.77
CA GLN A 106 -14.89 13.51 12.80
C GLN A 106 -14.60 13.95 14.24
N GLU A 107 -15.65 14.05 15.03
CA GLU A 107 -15.56 14.57 16.38
C GLU A 107 -15.37 13.43 17.39
N VAL A 108 -14.53 12.47 17.02
CA VAL A 108 -14.20 11.38 17.91
C VAL A 108 -12.88 11.70 18.62
N PHE A 109 -12.43 12.93 18.42
CA PHE A 109 -11.18 13.41 19.01
C PHE A 109 -11.47 14.44 20.09
N VAL A 110 -12.73 14.53 20.48
CA VAL A 110 -13.15 15.49 21.49
C VAL A 110 -13.27 14.81 22.85
N MET A 1 -4.06 -13.69 5.46
CA MET A 1 -4.00 -12.29 5.92
C MET A 1 -3.31 -11.42 4.89
N ILE A 2 -2.73 -10.30 5.32
CA ILE A 2 -2.02 -9.41 4.43
C ILE A 2 -0.88 -10.13 3.72
N ARG A 3 -0.97 -10.23 2.40
CA ARG A 3 0.02 -10.92 1.62
C ARG A 3 0.54 -10.04 0.49
N PHE A 4 1.79 -10.24 0.13
CA PHE A 4 2.40 -9.48 -0.94
C PHE A 4 2.61 -10.33 -2.17
N GLU A 5 2.22 -9.79 -3.32
CA GLU A 5 2.45 -10.43 -4.60
C GLU A 5 3.34 -9.55 -5.42
N ILE A 6 4.61 -9.68 -5.15
CA ILE A 6 5.59 -8.82 -5.75
C ILE A 6 6.20 -9.51 -6.97
N HIS A 7 6.24 -8.78 -8.05
CA HIS A 7 6.98 -9.17 -9.23
C HIS A 7 8.13 -8.22 -9.37
N GLY A 8 9.25 -8.50 -8.76
CA GLY A 8 10.24 -7.48 -8.72
C GLY A 8 11.51 -7.83 -9.47
N ASP A 9 11.63 -7.32 -10.68
CA ASP A 9 12.81 -7.60 -11.50
C ASP A 9 13.93 -6.62 -11.18
N ASN A 10 14.71 -6.98 -10.17
CA ASN A 10 15.84 -6.16 -9.76
C ASN A 10 17.11 -7.00 -9.76
N LEU A 11 17.02 -8.19 -10.38
CA LEU A 11 18.12 -9.16 -10.46
C LEU A 11 18.40 -9.78 -9.09
N THR A 12 18.67 -8.95 -8.11
CA THR A 12 18.98 -9.41 -6.76
C THR A 12 17.72 -9.70 -5.96
N ILE A 13 16.68 -10.16 -6.64
CA ILE A 13 15.42 -10.48 -5.98
C ILE A 13 15.55 -11.78 -5.21
N THR A 14 15.61 -11.66 -3.90
CA THR A 14 15.76 -12.81 -3.03
C THR A 14 15.09 -12.55 -1.68
N ASP A 15 15.33 -13.44 -0.73
CA ASP A 15 14.73 -13.35 0.59
C ASP A 15 15.03 -12.02 1.25
N ALA A 16 16.21 -11.47 0.98
CA ALA A 16 16.65 -10.20 1.56
C ALA A 16 15.59 -9.10 1.44
N ILE A 17 15.32 -8.70 0.22
CA ILE A 17 14.37 -7.63 -0.05
C ILE A 17 12.97 -8.06 0.30
N ARG A 18 12.67 -9.31 -0.02
CA ARG A 18 11.37 -9.85 0.27
C ARG A 18 11.12 -9.68 1.77
N ASN A 19 12.18 -9.95 2.55
CA ASN A 19 12.19 -9.69 3.98
C ASN A 19 11.99 -8.22 4.23
N TYR A 20 12.89 -7.41 3.67
CA TYR A 20 12.83 -5.93 3.75
C TYR A 20 11.38 -5.42 3.59
N ILE A 21 10.66 -6.01 2.64
CA ILE A 21 9.37 -5.53 2.26
C ILE A 21 8.37 -6.16 3.18
N GLU A 22 8.73 -7.34 3.64
CA GLU A 22 7.88 -8.06 4.53
C GLU A 22 7.87 -7.33 5.85
N GLU A 23 8.97 -6.66 6.12
CA GLU A 23 9.13 -5.82 7.28
C GLU A 23 8.35 -4.53 7.10
N LYS A 24 8.53 -3.90 5.95
CA LYS A 24 7.76 -2.71 5.63
C LYS A 24 6.26 -2.99 5.81
N ILE A 25 5.78 -3.98 5.06
CA ILE A 25 4.39 -4.39 5.11
C ILE A 25 4.04 -4.88 6.51
N GLY A 26 4.99 -5.49 7.20
CA GLY A 26 4.77 -5.90 8.56
C GLY A 26 4.57 -4.73 9.49
N LYS A 27 5.27 -3.63 9.21
CA LYS A 27 5.19 -2.47 10.06
C LYS A 27 3.90 -1.75 9.75
N LEU A 28 3.52 -1.86 8.50
CA LEU A 28 2.24 -1.34 8.06
C LEU A 28 1.11 -2.17 8.64
N GLU A 29 1.28 -3.48 8.55
CA GLU A 29 0.35 -4.45 9.12
C GLU A 29 0.09 -4.16 10.59
N ARG A 30 1.16 -3.84 11.31
CA ARG A 30 1.04 -3.56 12.73
C ARG A 30 0.41 -2.20 13.01
N TYR A 31 0.25 -1.37 11.98
CA TYR A 31 -0.47 -0.12 12.13
C TYR A 31 -1.97 -0.39 12.07
N PHE A 32 -2.32 -1.59 11.63
CA PHE A 32 -3.71 -1.90 11.40
C PHE A 32 -4.22 -2.83 12.47
N ASN A 33 -5.49 -2.77 12.72
CA ASN A 33 -6.15 -3.86 13.39
C ASN A 33 -7.32 -4.38 12.56
N ASP A 34 -7.89 -3.50 11.75
CA ASP A 34 -9.09 -3.81 11.00
C ASP A 34 -8.77 -4.26 9.59
N VAL A 35 -7.58 -4.80 9.40
CA VAL A 35 -7.17 -5.29 8.10
C VAL A 35 -6.73 -6.76 8.20
N PRO A 36 -7.69 -7.69 8.09
CA PRO A 36 -7.39 -9.12 8.06
C PRO A 36 -6.95 -9.56 6.67
N ASN A 37 -7.20 -8.72 5.68
CA ASN A 37 -6.88 -9.03 4.29
C ASN A 37 -6.39 -7.80 3.54
N ALA A 38 -5.17 -7.89 3.03
CA ALA A 38 -4.58 -6.85 2.20
C ALA A 38 -3.49 -7.49 1.34
N VAL A 39 -3.25 -6.93 0.17
CA VAL A 39 -2.26 -7.45 -0.73
C VAL A 39 -1.33 -6.33 -1.17
N ALA A 40 -0.11 -6.67 -1.54
CA ALA A 40 0.78 -5.72 -2.20
C ALA A 40 1.29 -6.33 -3.48
N HIS A 41 0.55 -6.14 -4.55
CA HIS A 41 0.94 -6.62 -5.86
C HIS A 41 1.85 -5.59 -6.48
N VAL A 42 3.15 -5.76 -6.32
CA VAL A 42 4.09 -4.73 -6.63
C VAL A 42 5.00 -5.26 -7.71
N LYS A 43 5.51 -4.37 -8.52
CA LYS A 43 6.30 -4.78 -9.66
C LYS A 43 7.35 -3.74 -9.96
N VAL A 44 8.57 -4.13 -9.75
CA VAL A 44 9.70 -3.23 -9.82
C VAL A 44 10.67 -3.73 -10.89
N LYS A 45 11.47 -2.83 -11.38
CA LYS A 45 12.47 -3.11 -12.41
C LYS A 45 13.63 -2.15 -12.25
N THR A 46 14.85 -2.65 -12.36
CA THR A 46 16.02 -1.81 -12.33
C THR A 46 17.12 -2.39 -13.18
N TYR A 47 17.34 -1.78 -14.33
CA TYR A 47 18.46 -2.13 -15.17
C TYR A 47 19.35 -0.90 -15.30
N SER A 48 19.92 -0.52 -14.17
CA SER A 48 20.70 0.69 -14.03
C SER A 48 21.44 0.64 -12.70
N ASN A 49 22.17 1.70 -12.36
CA ASN A 49 23.02 1.66 -11.18
C ASN A 49 22.22 1.57 -9.88
N SER A 50 21.40 2.57 -9.59
CA SER A 50 20.70 2.61 -8.32
C SER A 50 19.22 2.92 -8.48
N ALA A 51 18.76 2.87 -9.70
CA ALA A 51 17.36 3.16 -10.02
C ALA A 51 16.44 2.10 -9.46
N THR A 52 15.16 2.41 -9.38
CA THR A 52 14.18 1.41 -9.26
C THR A 52 12.82 1.88 -9.78
N LYS A 53 12.32 1.22 -10.81
CA LYS A 53 11.03 1.53 -11.39
C LYS A 53 9.97 0.60 -10.82
N ILE A 54 8.93 1.16 -10.25
CA ILE A 54 7.96 0.39 -9.50
C ILE A 54 6.56 0.47 -10.05
N GLU A 55 5.78 -0.50 -9.63
CA GLU A 55 4.38 -0.52 -9.86
C GLU A 55 3.71 -1.23 -8.70
N VAL A 56 3.03 -0.50 -7.89
CA VAL A 56 2.38 -1.08 -6.74
C VAL A 56 0.93 -1.20 -7.04
N THR A 57 0.37 -2.22 -6.51
CA THR A 57 -1.06 -2.31 -6.42
C THR A 57 -1.40 -3.14 -5.20
N ILE A 58 -1.85 -2.45 -4.20
CA ILE A 58 -2.04 -2.98 -2.87
C ILE A 58 -3.55 -2.99 -2.54
N PRO A 59 -4.23 -4.10 -2.89
CA PRO A 59 -5.64 -4.32 -2.56
C PRO A 59 -5.90 -4.66 -1.09
N LEU A 60 -6.43 -3.72 -0.35
CA LEU A 60 -7.00 -4.00 0.95
C LEU A 60 -8.47 -4.36 0.76
N LYS A 61 -9.18 -4.65 1.84
CA LYS A 61 -10.62 -4.78 1.75
C LYS A 61 -11.17 -3.49 1.24
N ASN A 62 -10.76 -2.45 1.95
CA ASN A 62 -11.35 -1.16 1.81
C ASN A 62 -11.06 -0.58 0.43
N VAL A 63 -9.77 -0.35 0.17
CA VAL A 63 -9.34 0.26 -1.07
C VAL A 63 -8.08 -0.44 -1.61
N THR A 64 -7.87 -0.32 -2.90
CA THR A 64 -6.70 -0.87 -3.56
C THR A 64 -5.83 0.26 -4.11
N LEU A 65 -4.60 0.40 -3.61
CA LEU A 65 -3.73 1.47 -4.10
C LEU A 65 -2.77 1.00 -5.12
N ARG A 66 -2.69 1.76 -6.17
CA ARG A 66 -1.74 1.51 -7.19
C ARG A 66 -0.83 2.70 -7.41
N ALA A 67 0.44 2.42 -7.58
CA ALA A 67 1.40 3.47 -7.96
C ALA A 67 2.39 2.94 -8.97
N GLU A 68 2.33 3.47 -10.17
CA GLU A 68 3.26 3.08 -11.22
C GLU A 68 4.27 4.19 -11.45
N GLU A 69 5.43 4.03 -10.81
CA GLU A 69 6.45 5.07 -10.79
C GLU A 69 7.80 4.54 -11.26
N ARG A 70 8.20 4.92 -12.46
CA ARG A 70 9.54 4.61 -12.93
C ARG A 70 10.50 5.69 -12.45
N ASN A 71 10.79 5.67 -11.16
CA ASN A 71 11.54 6.75 -10.52
C ASN A 71 12.90 6.27 -10.04
N ASP A 72 13.52 7.06 -9.16
CA ASP A 72 14.86 6.78 -8.67
C ASP A 72 14.84 5.71 -7.57
N ASP A 73 14.14 6.02 -6.49
CA ASP A 73 14.02 5.10 -5.35
C ASP A 73 12.72 4.38 -5.38
N LEU A 74 12.90 3.09 -5.50
CA LEU A 74 11.92 2.10 -5.17
C LEU A 74 11.10 2.48 -4.00
N TYR A 75 11.78 2.75 -2.92
CA TYR A 75 11.11 2.90 -1.69
C TYR A 75 10.45 4.25 -1.63
N ALA A 76 10.84 5.09 -2.57
CA ALA A 76 10.21 6.37 -2.75
C ALA A 76 8.94 6.16 -3.54
N GLY A 77 8.97 5.15 -4.41
CA GLY A 77 7.81 4.81 -5.16
C GLY A 77 6.76 4.14 -4.29
N ILE A 78 7.22 3.14 -3.56
CA ILE A 78 6.41 2.43 -2.62
C ILE A 78 6.03 3.32 -1.42
N ASP A 79 6.88 4.28 -1.00
CA ASP A 79 6.47 5.27 0.04
C ASP A 79 5.60 6.33 -0.53
N LEU A 80 5.67 6.54 -1.83
CA LEU A 80 4.66 7.33 -2.47
C LEU A 80 3.35 6.63 -2.26
N ILE A 81 3.30 5.38 -2.70
CA ILE A 81 2.08 4.59 -2.54
C ILE A 81 1.75 4.25 -1.08
N ASN A 82 2.75 4.10 -0.23
CA ASN A 82 2.56 3.65 1.16
C ASN A 82 2.02 4.80 1.98
N ASN A 83 2.57 5.95 1.71
CA ASN A 83 2.25 7.13 2.46
C ASN A 83 0.92 7.70 1.93
N LYS A 84 0.77 7.59 0.61
CA LYS A 84 -0.51 7.84 -0.03
C LYS A 84 -1.52 6.77 0.40
N LEU A 85 -1.00 5.60 0.75
CA LEU A 85 -1.82 4.50 1.25
C LEU A 85 -2.39 4.90 2.58
N GLU A 86 -1.54 5.34 3.49
CA GLU A 86 -2.00 5.88 4.74
C GLU A 86 -3.08 6.90 4.46
N ARG A 87 -2.74 7.84 3.57
CA ARG A 87 -3.66 8.91 3.23
C ARG A 87 -4.97 8.43 2.60
N GLN A 88 -4.88 7.41 1.74
CA GLN A 88 -6.01 7.03 0.90
C GLN A 88 -6.82 6.00 1.64
N VAL A 89 -6.10 5.17 2.33
CA VAL A 89 -6.68 4.16 3.17
C VAL A 89 -7.51 4.83 4.25
N ARG A 90 -6.92 5.82 4.89
CA ARG A 90 -7.64 6.55 5.94
C ARG A 90 -8.64 7.51 5.33
N LYS A 91 -8.38 7.97 4.11
CA LYS A 91 -9.36 8.77 3.39
C LYS A 91 -10.62 7.94 3.25
N TYR A 92 -10.41 6.73 2.76
CA TYR A 92 -11.49 5.81 2.48
C TYR A 92 -12.21 5.40 3.75
N LYS A 93 -11.48 4.82 4.71
CA LYS A 93 -12.12 4.31 5.92
C LYS A 93 -12.75 5.44 6.74
N THR A 94 -12.01 6.51 6.95
CA THR A 94 -12.50 7.60 7.76
C THR A 94 -13.67 8.32 7.09
N ARG A 95 -13.65 8.41 5.75
CA ARG A 95 -14.78 8.98 5.04
C ARG A 95 -15.99 8.04 5.14
N ILE A 96 -15.81 6.79 4.76
CA ILE A 96 -16.93 5.85 4.70
C ILE A 96 -17.49 5.56 6.10
N ASN A 97 -16.65 5.65 7.13
CA ASN A 97 -17.12 5.38 8.48
C ASN A 97 -17.67 6.65 9.16
N ARG A 98 -16.87 7.72 9.18
CA ARG A 98 -17.23 8.90 9.96
C ARG A 98 -18.29 9.74 9.26
N LYS A 99 -18.25 9.77 7.93
CA LYS A 99 -19.19 10.60 7.17
C LYS A 99 -20.54 9.91 7.05
N SER A 100 -20.55 8.59 7.13
CA SER A 100 -21.78 7.82 7.04
C SER A 100 -22.46 7.71 8.41
N ARG A 101 -22.22 8.70 9.26
CA ARG A 101 -22.88 8.77 10.55
C ARG A 101 -24.35 9.16 10.35
N ASP A 102 -24.62 9.74 9.18
CA ASP A 102 -25.95 10.12 8.78
C ASP A 102 -26.05 10.05 7.25
N ARG A 103 -27.09 10.64 6.69
CA ARG A 103 -27.34 10.53 5.25
C ARG A 103 -26.59 11.59 4.46
N GLY A 104 -25.74 12.34 5.14
CA GLY A 104 -24.93 13.36 4.49
C GLY A 104 -23.73 12.78 3.78
N ASP A 105 -23.63 11.45 3.76
CA ASP A 105 -22.52 10.76 3.11
C ASP A 105 -22.62 10.89 1.60
N GLN A 106 -23.81 11.22 1.12
CA GLN A 106 -24.04 11.40 -0.30
C GLN A 106 -23.45 12.73 -0.77
N GLU A 107 -23.93 13.82 -0.20
CA GLU A 107 -23.48 15.13 -0.62
C GLU A 107 -23.65 16.18 0.49
N VAL A 108 -22.61 16.31 1.30
CA VAL A 108 -22.57 17.36 2.32
C VAL A 108 -21.38 18.27 2.06
N PHE A 109 -20.70 18.01 0.96
CA PHE A 109 -19.55 18.78 0.55
C PHE A 109 -19.99 19.95 -0.32
N VAL A 110 -19.58 21.15 0.05
CA VAL A 110 -19.95 22.34 -0.69
C VAL A 110 -18.98 22.60 -1.86
N MET A 1 -6.31 -13.17 2.68
CA MET A 1 -4.99 -13.22 3.36
C MET A 1 -4.34 -11.85 3.35
N ILE A 2 -3.48 -11.59 4.33
CA ILE A 2 -2.74 -10.34 4.39
C ILE A 2 -1.31 -10.58 3.89
N ARG A 3 -1.14 -10.55 2.57
CA ARG A 3 0.04 -11.05 1.95
C ARG A 3 0.63 -10.07 0.95
N PHE A 4 1.93 -10.14 0.76
CA PHE A 4 2.60 -9.39 -0.28
C PHE A 4 2.87 -10.29 -1.48
N GLU A 5 2.42 -9.85 -2.64
CA GLU A 5 2.62 -10.58 -3.87
C GLU A 5 3.41 -9.73 -4.82
N ILE A 6 4.69 -9.75 -4.62
CA ILE A 6 5.61 -8.92 -5.35
C ILE A 6 6.19 -9.69 -6.52
N HIS A 7 6.30 -9.01 -7.62
CA HIS A 7 7.03 -9.51 -8.76
C HIS A 7 8.09 -8.51 -9.09
N GLY A 8 9.28 -8.74 -8.63
CA GLY A 8 10.24 -7.72 -8.82
C GLY A 8 11.25 -8.06 -9.91
N ASP A 9 11.16 -7.35 -11.03
CA ASP A 9 12.06 -7.58 -12.16
C ASP A 9 13.30 -6.69 -12.05
N ASN A 10 14.21 -7.10 -11.18
CA ASN A 10 15.43 -6.34 -10.94
C ASN A 10 16.62 -7.29 -10.87
N LEU A 11 17.76 -6.79 -10.40
CA LEU A 11 18.94 -7.63 -10.22
C LEU A 11 18.63 -8.75 -9.24
N THR A 12 18.17 -8.38 -8.06
CA THR A 12 17.78 -9.34 -7.04
C THR A 12 16.95 -8.67 -5.95
N ILE A 13 15.80 -9.25 -5.64
CA ILE A 13 15.00 -8.76 -4.53
C ILE A 13 15.51 -9.40 -3.24
N THR A 14 15.82 -8.57 -2.27
CA THR A 14 16.34 -9.05 -1.02
C THR A 14 15.24 -9.18 0.01
N ASP A 15 15.48 -10.00 1.04
CA ASP A 15 14.52 -10.18 2.11
C ASP A 15 14.37 -8.91 2.93
N ALA A 16 15.28 -7.97 2.68
CA ALA A 16 15.20 -6.64 3.25
C ALA A 16 13.87 -5.99 2.93
N ILE A 17 13.64 -5.86 1.63
CA ILE A 17 12.42 -5.26 1.13
C ILE A 17 11.24 -6.13 1.46
N ARG A 18 11.44 -7.43 1.29
CA ARG A 18 10.40 -8.38 1.58
C ARG A 18 9.92 -8.16 3.00
N ASN A 19 10.89 -8.04 3.90
CA ASN A 19 10.62 -7.68 5.29
C ASN A 19 9.98 -6.32 5.33
N TYR A 20 10.59 -5.36 4.64
CA TYR A 20 10.09 -3.98 4.56
C TYR A 20 8.59 -3.97 4.21
N ILE A 21 8.18 -4.91 3.38
CA ILE A 21 6.84 -4.94 2.87
C ILE A 21 6.00 -5.69 3.85
N GLU A 22 6.66 -6.60 4.53
CA GLU A 22 6.00 -7.39 5.52
C GLU A 22 5.62 -6.49 6.69
N GLU A 23 6.50 -5.54 6.95
CA GLU A 23 6.31 -4.57 8.01
C GLU A 23 5.36 -3.49 7.53
N LYS A 24 5.43 -3.19 6.24
CA LYS A 24 4.50 -2.28 5.59
C LYS A 24 3.07 -2.77 5.81
N ILE A 25 2.76 -3.91 5.21
CA ILE A 25 1.46 -4.53 5.36
C ILE A 25 1.19 -4.79 6.82
N GLY A 26 2.24 -5.10 7.56
CA GLY A 26 2.12 -5.27 8.99
C GLY A 26 1.58 -4.03 9.69
N LYS A 27 2.09 -2.84 9.33
CA LYS A 27 1.72 -1.65 10.04
C LYS A 27 0.42 -1.14 9.48
N LEU A 28 0.14 -1.54 8.25
CA LEU A 28 -1.16 -1.24 7.65
C LEU A 28 -2.23 -2.14 8.27
N GLU A 29 -1.86 -3.40 8.46
CA GLU A 29 -2.73 -4.38 9.11
C GLU A 29 -3.00 -3.96 10.55
N ARG A 30 -1.99 -3.39 11.20
CA ARG A 30 -2.13 -2.97 12.59
C ARG A 30 -3.07 -1.79 12.77
N TYR A 31 -3.56 -1.23 11.66
CA TYR A 31 -4.61 -0.23 11.74
C TYR A 31 -5.92 -0.91 12.04
N PHE A 32 -5.97 -2.21 11.75
CA PHE A 32 -7.15 -2.99 11.87
C PHE A 32 -6.91 -4.17 12.80
N ASN A 33 -7.97 -4.84 13.17
CA ASN A 33 -7.86 -6.17 13.73
C ASN A 33 -8.70 -7.13 12.89
N ASP A 34 -9.69 -6.57 12.21
CA ASP A 34 -10.66 -7.31 11.46
C ASP A 34 -10.26 -7.46 10.00
N VAL A 35 -8.97 -7.42 9.73
CA VAL A 35 -8.50 -7.47 8.35
C VAL A 35 -8.12 -8.90 7.93
N PRO A 36 -8.95 -9.53 7.08
CA PRO A 36 -8.68 -10.85 6.54
C PRO A 36 -8.01 -10.79 5.16
N ASN A 37 -7.89 -9.59 4.61
CA ASN A 37 -7.33 -9.42 3.26
C ASN A 37 -6.59 -8.10 3.12
N ALA A 38 -5.32 -8.20 2.80
CA ALA A 38 -4.49 -7.04 2.48
C ALA A 38 -3.29 -7.53 1.68
N VAL A 39 -3.20 -7.12 0.44
CA VAL A 39 -2.21 -7.60 -0.46
C VAL A 39 -1.28 -6.46 -0.89
N ALA A 40 -0.06 -6.80 -1.30
CA ALA A 40 0.80 -5.86 -1.97
C ALA A 40 1.35 -6.47 -3.25
N HIS A 41 0.62 -6.29 -4.34
CA HIS A 41 1.05 -6.74 -5.65
C HIS A 41 1.98 -5.69 -6.24
N VAL A 42 3.26 -5.86 -6.01
CA VAL A 42 4.23 -4.86 -6.32
C VAL A 42 5.18 -5.41 -7.34
N LYS A 43 5.71 -4.51 -8.11
CA LYS A 43 6.60 -4.86 -9.19
C LYS A 43 7.66 -3.80 -9.29
N VAL A 44 8.83 -4.21 -9.65
CA VAL A 44 9.94 -3.30 -9.81
C VAL A 44 10.69 -3.70 -11.07
N LYS A 45 11.42 -2.77 -11.61
CA LYS A 45 12.14 -2.93 -12.85
C LYS A 45 13.37 -2.04 -12.81
N THR A 46 14.53 -2.63 -12.65
CA THR A 46 15.76 -1.87 -12.59
C THR A 46 16.96 -2.76 -12.88
N TYR A 47 17.81 -2.29 -13.78
CA TYR A 47 19.05 -2.96 -14.09
C TYR A 47 20.19 -1.97 -13.92
N SER A 48 20.38 -1.55 -12.67
CA SER A 48 21.34 -0.52 -12.33
C SER A 48 21.30 -0.28 -10.82
N ASN A 49 22.08 0.68 -10.35
CA ASN A 49 22.11 1.02 -8.94
C ASN A 49 21.61 2.44 -8.71
N SER A 50 21.05 3.05 -9.75
CA SER A 50 20.58 4.42 -9.64
C SER A 50 19.17 4.59 -10.18
N ALA A 51 18.54 3.48 -10.46
CA ALA A 51 17.20 3.49 -11.01
C ALA A 51 16.26 2.66 -10.20
N THR A 52 14.98 2.91 -10.43
CA THR A 52 13.95 2.01 -10.07
C THR A 52 12.68 2.33 -10.86
N LYS A 53 12.05 1.31 -11.40
CA LYS A 53 10.71 1.47 -11.94
C LYS A 53 9.77 0.51 -11.26
N ILE A 54 8.82 1.06 -10.54
CA ILE A 54 8.00 0.27 -9.67
C ILE A 54 6.55 0.33 -10.05
N GLU A 55 5.82 -0.66 -9.57
CA GLU A 55 4.42 -0.75 -9.78
C GLU A 55 3.81 -1.43 -8.58
N VAL A 56 3.12 -0.69 -7.78
CA VAL A 56 2.50 -1.23 -6.59
C VAL A 56 1.05 -1.40 -6.87
N THR A 57 0.50 -2.39 -6.30
CA THR A 57 -0.93 -2.51 -6.22
C THR A 57 -1.30 -3.30 -4.98
N ILE A 58 -1.73 -2.58 -3.99
CA ILE A 58 -2.02 -3.11 -2.68
C ILE A 58 -3.56 -3.17 -2.48
N PRO A 59 -4.19 -4.30 -2.80
CA PRO A 59 -5.60 -4.56 -2.46
C PRO A 59 -5.80 -4.85 -0.98
N LEU A 60 -6.25 -3.85 -0.27
CA LEU A 60 -6.75 -4.01 1.09
C LEU A 60 -8.20 -4.47 1.00
N LYS A 61 -8.88 -4.65 2.12
CA LYS A 61 -10.30 -5.00 2.07
C LYS A 61 -11.03 -3.93 1.31
N ASN A 62 -10.92 -2.74 1.88
CA ASN A 62 -11.77 -1.64 1.52
C ASN A 62 -11.30 -0.94 0.25
N VAL A 63 -9.98 -0.91 0.07
CA VAL A 63 -9.37 -0.12 -0.97
C VAL A 63 -8.22 -0.87 -1.65
N THR A 64 -7.99 -0.54 -2.90
CA THR A 64 -6.90 -1.12 -3.66
C THR A 64 -6.05 -0.02 -4.28
N LEU A 65 -4.84 0.18 -3.76
CA LEU A 65 -3.98 1.22 -4.32
C LEU A 65 -3.04 0.67 -5.35
N ARG A 66 -2.68 1.53 -6.27
CA ARG A 66 -1.64 1.24 -7.21
C ARG A 66 -0.74 2.44 -7.39
N ALA A 67 0.52 2.16 -7.56
CA ALA A 67 1.48 3.24 -7.91
C ALA A 67 2.53 2.73 -8.89
N GLU A 68 2.48 3.24 -10.09
CA GLU A 68 3.42 2.85 -11.13
C GLU A 68 4.26 4.06 -11.53
N GLU A 69 5.58 3.95 -11.40
CA GLU A 69 6.45 5.09 -11.65
C GLU A 69 7.92 4.68 -11.74
N ARG A 70 8.70 5.49 -12.44
CA ARG A 70 10.14 5.33 -12.48
C ARG A 70 10.79 6.36 -11.55
N ASN A 71 11.26 5.89 -10.42
CA ASN A 71 11.84 6.76 -9.41
C ASN A 71 13.11 6.12 -8.86
N ASP A 72 14.14 6.94 -8.63
CA ASP A 72 15.47 6.46 -8.21
C ASP A 72 15.38 5.36 -7.15
N ASP A 73 14.65 5.65 -6.09
CA ASP A 73 14.47 4.73 -4.99
C ASP A 73 13.13 4.08 -5.03
N LEU A 74 13.22 2.80 -5.23
CA LEU A 74 12.18 1.86 -4.94
C LEU A 74 11.40 2.23 -3.72
N TYR A 75 12.16 2.49 -2.66
CA TYR A 75 11.59 2.68 -1.37
C TYR A 75 10.73 3.92 -1.39
N ALA A 76 11.12 4.82 -2.28
CA ALA A 76 10.48 6.10 -2.44
C ALA A 76 9.26 5.94 -3.29
N GLY A 77 9.34 4.97 -4.20
CA GLY A 77 8.21 4.65 -5.03
C GLY A 77 7.11 4.00 -4.21
N ILE A 78 7.49 2.99 -3.44
CA ILE A 78 6.59 2.34 -2.54
C ILE A 78 6.20 3.30 -1.39
N ASP A 79 7.04 4.30 -1.10
CA ASP A 79 6.66 5.39 -0.17
C ASP A 79 5.70 6.32 -0.83
N LEU A 80 5.92 6.66 -2.09
CA LEU A 80 4.93 7.42 -2.81
C LEU A 80 3.60 6.73 -2.66
N ILE A 81 3.58 5.43 -2.95
CA ILE A 81 2.36 4.67 -2.74
C ILE A 81 1.97 4.54 -1.27
N ASN A 82 2.90 4.26 -0.37
CA ASN A 82 2.55 3.95 1.03
C ASN A 82 2.10 5.19 1.76
N ASN A 83 2.69 6.29 1.37
CA ASN A 83 2.43 7.57 1.98
C ASN A 83 1.13 8.14 1.40
N LYS A 84 0.98 7.98 0.08
CA LYS A 84 -0.31 8.25 -0.56
C LYS A 84 -1.34 7.23 -0.08
N LEU A 85 -0.86 6.07 0.33
CA LEU A 85 -1.70 5.02 0.87
C LEU A 85 -2.26 5.49 2.18
N GLU A 86 -1.38 5.91 3.08
CA GLU A 86 -1.79 6.51 4.32
C GLU A 86 -2.85 7.55 4.03
N ARG A 87 -2.49 8.47 3.12
CA ARG A 87 -3.39 9.55 2.73
C ARG A 87 -4.74 9.04 2.20
N GLN A 88 -4.69 8.04 1.33
CA GLN A 88 -5.86 7.63 0.57
C GLN A 88 -6.68 6.68 1.38
N VAL A 89 -5.96 5.71 1.90
CA VAL A 89 -6.50 4.73 2.81
C VAL A 89 -7.26 5.39 3.93
N ARG A 90 -6.66 6.39 4.55
CA ARG A 90 -7.34 7.06 5.65
C ARG A 90 -8.43 8.00 5.14
N LYS A 91 -8.21 8.68 4.02
CA LYS A 91 -9.25 9.52 3.45
C LYS A 91 -10.48 8.68 3.16
N TYR A 92 -10.24 7.52 2.59
CA TYR A 92 -11.29 6.60 2.20
C TYR A 92 -11.98 6.01 3.43
N LYS A 93 -11.20 5.32 4.27
CA LYS A 93 -11.75 4.62 5.42
C LYS A 93 -12.38 5.60 6.40
N THR A 94 -11.75 6.75 6.58
CA THR A 94 -12.23 7.73 7.52
C THR A 94 -13.49 8.42 6.97
N ARG A 95 -13.52 8.69 5.67
CA ARG A 95 -14.73 9.23 5.06
C ARG A 95 -15.87 8.22 5.17
N ILE A 96 -15.56 6.96 4.90
CA ILE A 96 -16.56 5.90 4.96
C ILE A 96 -16.99 5.62 6.41
N ASN A 97 -16.08 5.84 7.34
CA ASN A 97 -16.39 5.58 8.76
C ASN A 97 -16.85 6.84 9.46
N ARG A 98 -16.72 7.98 8.76
CA ARG A 98 -17.09 9.29 9.28
C ARG A 98 -18.42 9.28 10.04
N LYS A 99 -19.54 9.16 9.35
CA LYS A 99 -20.83 9.21 10.03
C LYS A 99 -21.32 7.80 10.38
N SER A 100 -21.85 7.10 9.39
CA SER A 100 -22.28 5.72 9.57
C SER A 100 -21.47 4.78 8.68
N ARG A 101 -21.90 4.68 7.43
CA ARG A 101 -21.23 3.85 6.43
C ARG A 101 -20.81 4.71 5.24
N ASP A 102 -21.52 5.84 5.07
CA ASP A 102 -21.15 6.87 4.10
C ASP A 102 -20.90 6.29 2.71
N ARG A 103 -21.98 5.82 2.09
CA ARG A 103 -21.90 5.27 0.75
C ARG A 103 -21.94 6.37 -0.29
N GLY A 104 -22.91 7.26 -0.17
CA GLY A 104 -23.02 8.36 -1.11
C GLY A 104 -22.87 9.71 -0.44
N ASP A 105 -22.78 10.75 -1.24
CA ASP A 105 -22.67 12.11 -0.72
C ASP A 105 -24.06 12.71 -0.57
N GLN A 106 -25.03 12.08 -1.21
CA GLN A 106 -26.40 12.55 -1.20
C GLN A 106 -27.06 12.33 0.16
N GLU A 107 -26.63 11.28 0.85
CA GLU A 107 -27.22 10.92 2.14
C GLU A 107 -26.64 11.77 3.27
N VAL A 108 -27.01 13.03 3.29
CA VAL A 108 -26.57 13.96 4.33
C VAL A 108 -27.56 13.99 5.48
N PHE A 109 -28.51 13.06 5.47
CA PHE A 109 -29.51 12.97 6.52
C PHE A 109 -29.41 11.62 7.23
N VAL A 110 -29.27 11.66 8.55
CA VAL A 110 -29.14 10.44 9.34
C VAL A 110 -30.08 10.49 10.53
N MET A 1 -6.82 -12.33 5.52
CA MET A 1 -5.63 -11.73 6.16
C MET A 1 -4.99 -10.68 5.26
N ILE A 2 -3.91 -10.09 5.72
CA ILE A 2 -3.17 -9.10 4.95
C ILE A 2 -1.84 -9.69 4.46
N ARG A 3 -1.67 -9.74 3.16
CA ARG A 3 -0.51 -10.35 2.55
C ARG A 3 0.10 -9.43 1.51
N PHE A 4 1.40 -9.58 1.31
CA PHE A 4 2.11 -8.82 0.29
C PHE A 4 2.68 -9.75 -0.77
N GLU A 5 2.51 -9.37 -2.02
CA GLU A 5 2.94 -10.17 -3.16
C GLU A 5 3.73 -9.31 -4.12
N ILE A 6 5.03 -9.43 -4.05
CA ILE A 6 5.87 -8.66 -4.93
C ILE A 6 6.25 -9.48 -6.14
N HIS A 7 6.17 -8.85 -7.27
CA HIS A 7 6.71 -9.37 -8.50
C HIS A 7 7.78 -8.45 -9.00
N GLY A 8 9.00 -8.70 -8.67
CA GLY A 8 9.98 -7.77 -9.07
C GLY A 8 10.75 -8.23 -10.29
N ASP A 9 10.75 -7.42 -11.36
CA ASP A 9 11.44 -7.74 -12.59
C ASP A 9 12.73 -6.94 -12.71
N ASN A 10 13.72 -7.52 -13.40
CA ASN A 10 15.04 -6.92 -13.58
C ASN A 10 15.83 -6.94 -12.28
N LEU A 11 15.21 -6.45 -11.22
CA LEU A 11 15.79 -6.49 -9.90
C LEU A 11 15.38 -7.78 -9.20
N THR A 12 16.32 -8.69 -9.07
CA THR A 12 16.06 -9.92 -8.33
C THR A 12 16.01 -9.63 -6.84
N ILE A 13 14.86 -9.14 -6.38
CA ILE A 13 14.69 -8.74 -4.98
C ILE A 13 15.01 -9.91 -4.04
N THR A 14 15.78 -9.62 -3.02
CA THR A 14 16.20 -10.64 -2.08
C THR A 14 15.41 -10.54 -0.79
N ASP A 15 15.72 -11.40 0.17
CA ASP A 15 15.00 -11.41 1.44
C ASP A 15 15.13 -10.07 2.15
N ALA A 16 16.20 -9.36 1.84
CA ALA A 16 16.45 -8.02 2.37
C ALA A 16 15.23 -7.12 2.27
N ILE A 17 14.86 -6.81 1.03
CA ILE A 17 13.74 -5.92 0.76
C ILE A 17 12.44 -6.60 1.10
N ARG A 18 12.36 -7.89 0.79
CA ARG A 18 11.17 -8.63 1.08
C ARG A 18 10.86 -8.51 2.57
N ASN A 19 11.91 -8.63 3.37
CA ASN A 19 11.84 -8.40 4.80
C ASN A 19 11.43 -6.95 5.07
N TYR A 20 12.10 -6.01 4.40
CA TYR A 20 11.80 -4.57 4.54
C TYR A 20 10.31 -4.29 4.32
N ILE A 21 9.73 -5.03 3.39
CA ILE A 21 8.37 -4.83 3.00
C ILE A 21 7.53 -5.59 3.96
N GLU A 22 8.14 -6.63 4.48
CA GLU A 22 7.48 -7.47 5.42
C GLU A 22 7.35 -6.71 6.73
N GLU A 23 8.28 -5.79 6.94
CA GLU A 23 8.25 -4.89 8.07
C GLU A 23 7.21 -3.82 7.84
N LYS A 24 7.24 -3.22 6.65
CA LYS A 24 6.23 -2.21 6.31
C LYS A 24 4.82 -2.79 6.44
N ILE A 25 4.55 -3.81 5.63
CA ILE A 25 3.26 -4.48 5.63
C ILE A 25 2.99 -5.09 6.99
N GLY A 26 4.05 -5.58 7.63
CA GLY A 26 3.94 -6.10 8.96
C GLY A 26 3.56 -5.05 9.98
N LYS A 27 3.97 -3.80 9.75
CA LYS A 27 3.68 -2.74 10.69
C LYS A 27 2.29 -2.27 10.44
N LEU A 28 1.93 -2.29 9.17
CA LEU A 28 0.55 -1.99 8.78
C LEU A 28 -0.37 -3.07 9.34
N GLU A 29 0.13 -4.30 9.32
CA GLU A 29 -0.56 -5.43 9.90
C GLU A 29 -0.66 -5.29 11.41
N ARG A 30 0.36 -4.72 12.04
CA ARG A 30 0.34 -4.53 13.49
C ARG A 30 -0.69 -3.48 13.90
N TYR A 31 -1.10 -2.65 12.96
CA TYR A 31 -2.19 -1.72 13.21
C TYR A 31 -3.51 -2.35 12.81
N PHE A 32 -3.46 -3.60 12.39
CA PHE A 32 -4.61 -4.27 11.83
C PHE A 32 -4.92 -5.57 12.54
N ASN A 33 -6.14 -5.74 12.98
CA ASN A 33 -6.56 -7.04 13.43
C ASN A 33 -7.78 -7.51 12.66
N ASP A 34 -8.77 -6.62 12.54
CA ASP A 34 -10.03 -6.95 11.92
C ASP A 34 -9.96 -6.85 10.40
N VAL A 35 -8.77 -7.04 9.86
CA VAL A 35 -8.57 -6.94 8.42
C VAL A 35 -8.90 -8.26 7.73
N PRO A 36 -10.01 -8.27 6.96
CA PRO A 36 -10.43 -9.44 6.18
C PRO A 36 -9.42 -9.76 5.08
N ASN A 37 -8.99 -8.74 4.35
CA ASN A 37 -8.00 -8.93 3.30
C ASN A 37 -7.32 -7.62 2.93
N ALA A 38 -6.01 -7.64 2.87
CA ALA A 38 -5.22 -6.53 2.35
C ALA A 38 -3.99 -7.09 1.65
N VAL A 39 -3.72 -6.65 0.43
CA VAL A 39 -2.66 -7.19 -0.37
C VAL A 39 -1.71 -6.07 -0.80
N ALA A 40 -0.47 -6.42 -1.11
CA ALA A 40 0.43 -5.50 -1.79
C ALA A 40 1.11 -6.21 -2.96
N HIS A 41 0.47 -6.15 -4.11
CA HIS A 41 1.01 -6.76 -5.31
C HIS A 41 1.92 -5.75 -5.98
N VAL A 42 3.22 -5.87 -5.76
CA VAL A 42 4.14 -4.82 -6.06
C VAL A 42 5.21 -5.29 -6.99
N LYS A 43 5.44 -4.50 -7.97
CA LYS A 43 6.37 -4.81 -9.01
C LYS A 43 7.46 -3.78 -9.02
N VAL A 44 8.62 -4.19 -9.46
CA VAL A 44 9.77 -3.33 -9.47
C VAL A 44 10.62 -3.72 -10.68
N LYS A 45 11.43 -2.79 -11.16
CA LYS A 45 12.21 -2.97 -12.38
C LYS A 45 13.42 -2.04 -12.35
N THR A 46 14.61 -2.61 -12.30
CA THR A 46 15.82 -1.81 -12.38
C THR A 46 17.03 -2.66 -12.74
N TYR A 47 17.89 -2.10 -13.59
CA TYR A 47 19.19 -2.68 -13.83
C TYR A 47 20.22 -1.57 -13.67
N SER A 48 20.31 -1.07 -12.44
CA SER A 48 21.14 0.08 -12.07
C SER A 48 21.00 0.33 -10.56
N ASN A 49 21.96 1.04 -9.99
CA ASN A 49 21.91 1.37 -8.56
C ASN A 49 21.26 2.73 -8.34
N SER A 50 20.88 3.38 -9.42
CA SER A 50 20.29 4.71 -9.33
C SER A 50 18.82 4.67 -9.71
N ALA A 51 18.30 3.48 -9.82
CA ALA A 51 16.92 3.30 -10.22
C ALA A 51 16.24 2.23 -9.40
N THR A 52 14.94 2.40 -9.23
CA THR A 52 14.08 1.33 -8.95
C THR A 52 12.68 1.68 -9.41
N LYS A 53 12.29 1.21 -10.59
CA LYS A 53 10.97 1.49 -11.12
C LYS A 53 9.98 0.54 -10.47
N ILE A 54 8.84 1.05 -10.06
CA ILE A 54 7.89 0.25 -9.31
C ILE A 54 6.51 0.29 -9.89
N GLU A 55 5.72 -0.67 -9.48
CA GLU A 55 4.35 -0.74 -9.80
C GLU A 55 3.64 -1.48 -8.70
N VAL A 56 2.93 -0.74 -7.90
CA VAL A 56 2.30 -1.30 -6.72
C VAL A 56 0.85 -1.48 -7.02
N THR A 57 0.29 -2.45 -6.41
CA THR A 57 -1.15 -2.58 -6.36
C THR A 57 -1.54 -3.25 -5.07
N ILE A 58 -2.11 -2.47 -4.20
CA ILE A 58 -2.36 -2.86 -2.84
C ILE A 58 -3.88 -2.87 -2.58
N PRO A 59 -4.54 -4.00 -2.86
CA PRO A 59 -5.97 -4.22 -2.54
C PRO A 59 -6.24 -4.39 -1.06
N LEU A 60 -6.81 -3.37 -0.44
CA LEU A 60 -7.38 -3.51 0.88
C LEU A 60 -8.86 -3.81 0.73
N LYS A 61 -9.58 -3.92 1.83
CA LYS A 61 -11.00 -4.19 1.79
C LYS A 61 -11.69 -3.10 1.02
N ASN A 62 -11.53 -1.90 1.57
CA ASN A 62 -12.33 -0.79 1.16
C ASN A 62 -11.82 -0.21 -0.15
N VAL A 63 -10.50 -0.07 -0.24
CA VAL A 63 -9.87 0.53 -1.41
C VAL A 63 -8.66 -0.28 -1.88
N THR A 64 -8.37 -0.19 -3.17
CA THR A 64 -7.24 -0.85 -3.78
C THR A 64 -6.31 0.19 -4.41
N LEU A 65 -5.08 0.31 -3.90
CA LEU A 65 -4.15 1.29 -4.46
C LEU A 65 -3.28 0.70 -5.52
N ARG A 66 -2.84 1.56 -6.40
CA ARG A 66 -1.82 1.23 -7.34
C ARG A 66 -0.88 2.41 -7.54
N ALA A 67 0.38 2.11 -7.71
CA ALA A 67 1.36 3.14 -8.08
C ALA A 67 2.37 2.64 -9.08
N GLU A 68 2.32 3.19 -10.27
CA GLU A 68 3.22 2.79 -11.35
C GLU A 68 4.19 3.92 -11.66
N GLU A 69 5.34 3.90 -10.99
CA GLU A 69 6.25 5.05 -11.01
C GLU A 69 7.70 4.60 -11.16
N ARG A 70 8.50 5.47 -11.73
CA ARG A 70 9.95 5.27 -11.81
C ARG A 70 10.66 6.31 -10.94
N ASN A 71 11.69 5.89 -10.23
CA ASN A 71 12.48 6.80 -9.41
C ASN A 71 13.77 6.10 -8.99
N ASP A 72 14.65 6.82 -8.31
CA ASP A 72 15.89 6.24 -7.81
C ASP A 72 15.59 5.20 -6.75
N ASP A 73 14.62 5.52 -5.90
CA ASP A 73 14.24 4.68 -4.78
C ASP A 73 12.91 4.03 -4.97
N LEU A 74 13.00 2.74 -5.05
CA LEU A 74 11.93 1.82 -4.82
C LEU A 74 11.08 2.27 -3.67
N TYR A 75 11.79 2.56 -2.60
CA TYR A 75 11.18 2.77 -1.34
C TYR A 75 10.39 4.06 -1.40
N ALA A 76 10.74 4.87 -2.39
CA ALA A 76 10.12 6.15 -2.61
C ALA A 76 8.87 5.95 -3.44
N GLY A 77 8.93 4.97 -4.32
CA GLY A 77 7.79 4.62 -5.11
C GLY A 77 6.73 3.96 -4.26
N ILE A 78 7.16 2.98 -3.48
CA ILE A 78 6.30 2.31 -2.57
C ILE A 78 5.90 3.27 -1.43
N ASP A 79 6.75 4.23 -1.08
CA ASP A 79 6.36 5.32 -0.13
C ASP A 79 5.36 6.23 -0.77
N LEU A 80 5.52 6.50 -2.04
CA LEU A 80 4.51 7.25 -2.74
C LEU A 80 3.19 6.52 -2.55
N ILE A 81 3.18 5.25 -2.88
CA ILE A 81 1.99 4.47 -2.70
C ILE A 81 1.61 4.21 -1.22
N ASN A 82 2.58 4.08 -0.33
CA ASN A 82 2.32 3.70 1.06
C ASN A 82 1.87 4.92 1.86
N ASN A 83 2.43 6.04 1.50
CA ASN A 83 2.14 7.28 2.16
C ASN A 83 0.82 7.83 1.61
N LYS A 84 0.64 7.65 0.29
CA LYS A 84 -0.66 7.89 -0.31
C LYS A 84 -1.63 6.81 0.12
N LEU A 85 -1.13 5.66 0.53
CA LEU A 85 -1.94 4.61 1.09
C LEU A 85 -2.59 5.14 2.33
N GLU A 86 -1.76 5.56 3.27
CA GLU A 86 -2.26 6.19 4.48
C GLU A 86 -3.26 7.27 4.12
N ARG A 87 -2.84 8.17 3.23
CA ARG A 87 -3.67 9.32 2.84
C ARG A 87 -4.98 8.90 2.14
N GLN A 88 -4.91 7.90 1.27
CA GLN A 88 -6.02 7.57 0.39
C GLN A 88 -6.92 6.61 1.08
N VAL A 89 -6.28 5.63 1.67
CA VAL A 89 -6.93 4.69 2.54
C VAL A 89 -7.78 5.42 3.57
N ARG A 90 -7.16 6.37 4.25
CA ARG A 90 -7.93 7.14 5.24
C ARG A 90 -8.96 8.03 4.58
N LYS A 91 -8.60 8.62 3.44
CA LYS A 91 -9.54 9.47 2.73
C LYS A 91 -10.79 8.68 2.39
N TYR A 92 -10.57 7.47 1.92
CA TYR A 92 -11.65 6.62 1.45
C TYR A 92 -12.44 6.03 2.62
N LYS A 93 -11.75 5.35 3.53
CA LYS A 93 -12.44 4.70 4.65
C LYS A 93 -13.13 5.74 5.53
N THR A 94 -12.47 6.86 5.74
CA THR A 94 -13.05 7.93 6.53
C THR A 94 -14.15 8.65 5.75
N ARG A 95 -14.02 8.69 4.42
CA ARG A 95 -15.10 9.19 3.57
C ARG A 95 -16.34 8.34 3.77
N ILE A 96 -16.17 7.03 3.69
CA ILE A 96 -17.27 6.09 3.88
C ILE A 96 -17.81 6.16 5.31
N ASN A 97 -16.92 6.00 6.29
CA ASN A 97 -17.31 5.95 7.70
C ASN A 97 -17.93 7.26 8.16
N ARG A 98 -17.56 8.36 7.52
CA ARG A 98 -18.10 9.67 7.87
C ARG A 98 -19.61 9.70 7.68
N LYS A 99 -20.08 9.09 6.60
CA LYS A 99 -21.51 9.02 6.32
C LYS A 99 -22.12 7.77 6.93
N SER A 100 -21.41 6.66 6.80
CA SER A 100 -21.94 5.36 7.24
C SER A 100 -21.65 5.11 8.71
N ARG A 101 -21.37 6.16 9.47
CA ARG A 101 -21.16 6.05 10.90
C ARG A 101 -22.49 5.83 11.61
N ASP A 102 -23.51 6.52 11.13
CA ASP A 102 -24.85 6.44 11.68
C ASP A 102 -25.85 7.00 10.67
N ARG A 103 -27.02 6.40 10.60
CA ARG A 103 -28.03 6.82 9.63
C ARG A 103 -29.32 7.23 10.34
N GLY A 104 -29.44 6.86 11.60
CA GLY A 104 -30.65 7.14 12.34
C GLY A 104 -30.65 8.53 12.95
N ASP A 105 -31.77 8.92 13.52
CA ASP A 105 -31.93 10.22 14.15
C ASP A 105 -31.43 10.20 15.58
N GLN A 106 -30.90 9.03 15.96
CA GLN A 106 -30.41 8.78 17.32
C GLN A 106 -29.61 9.96 17.88
N GLU A 107 -28.51 10.30 17.20
CA GLU A 107 -27.65 11.40 17.63
C GLU A 107 -27.27 11.26 19.12
N VAL A 108 -26.84 10.06 19.48
CA VAL A 108 -26.49 9.77 20.87
C VAL A 108 -25.00 9.53 21.00
N PHE A 109 -24.25 10.10 20.07
CA PHE A 109 -22.80 9.92 20.04
C PHE A 109 -22.11 11.26 20.26
N VAL A 110 -22.85 12.19 20.85
CA VAL A 110 -22.33 13.52 21.15
C VAL A 110 -21.97 13.61 22.63
N MET A 1 -6.58 -12.31 6.36
CA MET A 1 -5.18 -11.94 6.70
C MET A 1 -4.57 -11.13 5.57
N ILE A 2 -3.35 -10.64 5.78
CA ILE A 2 -2.69 -9.79 4.80
C ILE A 2 -1.53 -10.53 4.14
N ARG A 3 -1.30 -10.24 2.87
CA ARG A 3 -0.23 -10.83 2.14
C ARG A 3 0.49 -9.80 1.28
N PHE A 4 1.64 -10.19 0.79
CA PHE A 4 2.42 -9.37 -0.10
C PHE A 4 2.80 -10.19 -1.33
N GLU A 5 2.29 -9.77 -2.48
CA GLU A 5 2.47 -10.52 -3.71
C GLU A 5 3.30 -9.72 -4.66
N ILE A 6 4.59 -9.80 -4.45
CA ILE A 6 5.53 -9.01 -5.19
C ILE A 6 6.10 -9.81 -6.34
N HIS A 7 6.33 -9.12 -7.41
CA HIS A 7 7.10 -9.61 -8.52
C HIS A 7 8.13 -8.59 -8.83
N GLY A 8 9.29 -8.71 -8.25
CA GLY A 8 10.21 -7.67 -8.43
C GLY A 8 11.37 -8.05 -9.32
N ASP A 9 11.53 -7.32 -10.42
CA ASP A 9 12.65 -7.51 -11.32
C ASP A 9 13.73 -6.48 -11.00
N ASN A 10 14.34 -6.64 -9.84
CA ASN A 10 15.37 -5.72 -9.38
C ASN A 10 16.74 -6.31 -9.67
N LEU A 11 16.73 -7.47 -10.35
CA LEU A 11 17.94 -8.22 -10.70
C LEU A 11 18.52 -8.93 -9.46
N THR A 12 18.49 -8.23 -8.34
CA THR A 12 18.91 -8.81 -7.07
C THR A 12 17.98 -8.34 -5.96
N ILE A 13 16.89 -9.09 -5.76
CA ILE A 13 15.96 -8.78 -4.68
C ILE A 13 16.38 -9.52 -3.40
N THR A 14 16.00 -8.97 -2.26
CA THR A 14 16.36 -9.55 -0.99
C THR A 14 15.17 -9.59 -0.05
N ASP A 15 15.30 -10.33 1.04
CA ASP A 15 14.23 -10.43 2.03
C ASP A 15 14.12 -9.13 2.81
N ALA A 16 15.11 -8.26 2.63
CA ALA A 16 15.09 -6.91 3.20
C ALA A 16 13.81 -6.19 2.88
N ILE A 17 13.56 -6.06 1.59
CA ILE A 17 12.38 -5.39 1.08
C ILE A 17 11.14 -6.17 1.42
N ARG A 18 11.26 -7.48 1.29
CA ARG A 18 10.17 -8.36 1.60
C ARG A 18 9.70 -8.06 3.01
N ASN A 19 10.66 -8.04 3.92
CA ASN A 19 10.46 -7.61 5.30
C ASN A 19 9.94 -6.18 5.35
N TYR A 20 10.63 -5.27 4.65
CA TYR A 20 10.28 -3.86 4.62
C TYR A 20 8.77 -3.70 4.42
N ILE A 21 8.25 -4.42 3.43
CA ILE A 21 6.90 -4.22 3.00
C ILE A 21 6.01 -5.03 3.89
N GLU A 22 6.57 -6.15 4.32
CA GLU A 22 5.83 -7.09 5.11
C GLU A 22 5.40 -6.41 6.39
N GLU A 23 6.37 -5.78 7.00
CA GLU A 23 6.24 -5.22 8.31
C GLU A 23 5.65 -3.82 8.26
N LYS A 24 6.02 -3.04 7.24
CA LYS A 24 5.44 -1.72 7.13
C LYS A 24 3.94 -1.84 6.84
N ILE A 25 3.59 -2.60 5.80
CA ILE A 25 2.20 -2.87 5.49
C ILE A 25 1.54 -3.55 6.68
N GLY A 26 2.29 -4.44 7.32
CA GLY A 26 1.83 -5.06 8.55
C GLY A 26 1.46 -4.03 9.61
N LYS A 27 2.25 -2.97 9.73
CA LYS A 27 2.03 -2.00 10.80
C LYS A 27 0.93 -1.06 10.39
N LEU A 28 0.78 -0.88 9.10
CA LEU A 28 -0.30 -0.06 8.57
C LEU A 28 -1.63 -0.80 8.63
N GLU A 29 -1.57 -2.11 8.46
CA GLU A 29 -2.74 -2.97 8.51
C GLU A 29 -3.10 -3.34 9.94
N ARG A 30 -2.11 -3.29 10.83
CA ARG A 30 -2.33 -3.64 12.24
C ARG A 30 -3.35 -2.75 12.95
N TYR A 31 -3.82 -1.70 12.29
CA TYR A 31 -4.90 -0.90 12.83
C TYR A 31 -6.18 -1.70 12.79
N PHE A 32 -6.18 -2.74 11.97
CA PHE A 32 -7.31 -3.62 11.81
C PHE A 32 -6.94 -4.97 12.34
N ASN A 33 -7.93 -5.81 12.61
CA ASN A 33 -7.63 -7.18 12.91
C ASN A 33 -8.38 -8.15 12.00
N ASP A 34 -9.66 -7.88 11.78
CA ASP A 34 -10.52 -8.76 11.04
C ASP A 34 -10.36 -8.62 9.53
N VAL A 35 -9.17 -8.21 9.11
CA VAL A 35 -8.86 -8.04 7.70
C VAL A 35 -9.02 -9.34 6.92
N PRO A 36 -9.95 -9.36 5.95
CA PRO A 36 -10.12 -10.50 5.05
C PRO A 36 -8.90 -10.70 4.17
N ASN A 37 -8.50 -9.65 3.46
CA ASN A 37 -7.35 -9.72 2.56
C ASN A 37 -6.77 -8.34 2.31
N ALA A 38 -5.50 -8.17 2.63
CA ALA A 38 -4.76 -6.97 2.27
C ALA A 38 -3.47 -7.38 1.58
N VAL A 39 -3.33 -7.03 0.31
CA VAL A 39 -2.26 -7.50 -0.51
C VAL A 39 -1.37 -6.35 -0.97
N ALA A 40 -0.12 -6.64 -1.26
CA ALA A 40 0.74 -5.72 -1.98
C ALA A 40 1.31 -6.39 -3.22
N HIS A 41 0.60 -6.24 -4.33
CA HIS A 41 1.04 -6.75 -5.62
C HIS A 41 1.98 -5.72 -6.24
N VAL A 42 3.27 -5.90 -6.00
CA VAL A 42 4.24 -4.92 -6.32
C VAL A 42 5.24 -5.48 -7.30
N LYS A 43 5.80 -4.61 -8.08
CA LYS A 43 6.77 -4.96 -9.09
C LYS A 43 7.80 -3.86 -9.18
N VAL A 44 8.99 -4.22 -9.56
CA VAL A 44 10.07 -3.29 -9.72
C VAL A 44 10.93 -3.75 -10.90
N LYS A 45 11.66 -2.84 -11.47
CA LYS A 45 12.50 -3.09 -12.63
C LYS A 45 13.60 -2.05 -12.67
N THR A 46 14.84 -2.47 -12.53
CA THR A 46 15.96 -1.55 -12.57
C THR A 46 17.15 -2.15 -13.31
N TYR A 47 17.29 -1.77 -14.57
CA TYR A 47 18.43 -2.20 -15.34
C TYR A 47 19.41 -1.04 -15.49
N SER A 48 19.96 -0.66 -14.34
CA SER A 48 20.90 0.45 -14.20
C SER A 48 21.38 0.46 -12.75
N ASN A 49 22.19 1.44 -12.37
CA ASN A 49 22.70 1.49 -11.00
C ASN A 49 21.75 2.25 -10.08
N SER A 50 21.26 3.39 -10.53
CA SER A 50 20.51 4.30 -9.66
C SER A 50 19.04 4.35 -10.03
N ALA A 51 18.65 3.46 -10.90
CA ALA A 51 17.27 3.45 -11.41
C ALA A 51 16.34 2.71 -10.49
N THR A 52 15.06 2.96 -10.71
CA THR A 52 14.03 2.08 -10.27
C THR A 52 12.74 2.34 -11.03
N LYS A 53 12.11 1.29 -11.51
CA LYS A 53 10.77 1.38 -12.04
C LYS A 53 9.87 0.42 -11.30
N ILE A 54 8.87 0.96 -10.65
CA ILE A 54 8.05 0.21 -9.72
C ILE A 54 6.61 0.17 -10.14
N GLU A 55 5.91 -0.79 -9.57
CA GLU A 55 4.52 -0.93 -9.79
C GLU A 55 3.89 -1.56 -8.57
N VAL A 56 3.17 -0.80 -7.83
CA VAL A 56 2.50 -1.30 -6.66
C VAL A 56 1.06 -1.45 -7.01
N THR A 57 0.46 -2.44 -6.46
CA THR A 57 -0.98 -2.63 -6.50
C THR A 57 -1.40 -3.36 -5.25
N ILE A 58 -1.91 -2.62 -4.30
CA ILE A 58 -2.10 -3.08 -2.95
C ILE A 58 -3.60 -3.13 -2.62
N PRO A 59 -4.25 -4.26 -2.89
CA PRO A 59 -5.64 -4.52 -2.48
C PRO A 59 -5.81 -4.68 -0.98
N LEU A 60 -6.23 -3.61 -0.31
CA LEU A 60 -6.60 -3.70 1.09
C LEU A 60 -8.08 -4.02 1.19
N LYS A 61 -8.61 -4.14 2.41
CA LYS A 61 -10.02 -4.39 2.61
C LYS A 61 -10.80 -3.30 1.94
N ASN A 62 -10.47 -2.10 2.39
CA ASN A 62 -11.23 -0.94 2.08
C ASN A 62 -11.01 -0.49 0.64
N VAL A 63 -9.74 -0.29 0.29
CA VAL A 63 -9.37 0.22 -1.02
C VAL A 63 -8.17 -0.54 -1.59
N THR A 64 -8.09 -0.56 -2.90
CA THR A 64 -6.96 -1.17 -3.60
C THR A 64 -6.10 -0.07 -4.23
N LEU A 65 -4.92 0.16 -3.67
CA LEU A 65 -4.03 1.16 -4.25
C LEU A 65 -3.17 0.56 -5.33
N ARG A 66 -2.55 1.45 -6.09
CA ARG A 66 -1.62 1.04 -7.11
C ARG A 66 -0.80 2.25 -7.50
N ALA A 67 0.46 2.03 -7.69
CA ALA A 67 1.38 3.10 -8.11
C ALA A 67 2.44 2.58 -9.05
N GLU A 68 2.43 3.04 -10.27
CA GLU A 68 3.43 2.64 -11.25
C GLU A 68 4.29 3.85 -11.59
N GLU A 69 5.55 3.80 -11.19
CA GLU A 69 6.42 4.95 -11.33
C GLU A 69 7.82 4.53 -11.74
N ARG A 70 8.55 5.44 -12.36
CA ARG A 70 9.92 5.19 -12.77
C ARG A 70 10.82 6.32 -12.24
N ASN A 71 11.31 6.15 -11.03
CA ASN A 71 12.08 7.18 -10.36
C ASN A 71 13.45 6.66 -9.95
N ASP A 72 14.11 7.33 -9.03
CA ASP A 72 15.43 6.92 -8.57
C ASP A 72 15.30 5.87 -7.47
N ASP A 73 14.45 6.15 -6.50
CA ASP A 73 14.26 5.27 -5.35
C ASP A 73 12.98 4.51 -5.42
N LEU A 74 13.20 3.24 -5.55
CA LEU A 74 12.25 2.22 -5.27
C LEU A 74 11.40 2.56 -4.07
N TYR A 75 12.14 2.86 -3.01
CA TYR A 75 11.58 3.02 -1.73
C TYR A 75 10.70 4.24 -1.73
N ALA A 76 10.99 5.11 -2.69
CA ALA A 76 10.30 6.36 -2.86
C ALA A 76 9.07 6.13 -3.69
N GLY A 77 9.17 5.20 -4.63
CA GLY A 77 8.03 4.83 -5.42
C GLY A 77 6.99 4.14 -4.56
N ILE A 78 7.46 3.16 -3.81
CA ILE A 78 6.64 2.48 -2.88
C ILE A 78 6.27 3.41 -1.70
N ASP A 79 7.11 4.43 -1.40
CA ASP A 79 6.74 5.48 -0.41
C ASP A 79 5.70 6.39 -0.99
N LEU A 80 5.82 6.74 -2.26
CA LEU A 80 4.75 7.45 -2.90
C LEU A 80 3.47 6.68 -2.68
N ILE A 81 3.48 5.41 -3.08
CA ILE A 81 2.29 4.60 -2.85
C ILE A 81 1.98 4.40 -1.36
N ASN A 82 2.97 4.12 -0.53
CA ASN A 82 2.74 3.74 0.87
C ASN A 82 2.28 4.91 1.70
N ASN A 83 2.82 6.06 1.36
CA ASN A 83 2.53 7.27 2.08
C ASN A 83 1.20 7.84 1.59
N LYS A 84 0.99 7.74 0.28
CA LYS A 84 -0.32 8.02 -0.30
C LYS A 84 -1.29 6.95 0.16
N LEU A 85 -0.77 5.78 0.48
CA LEU A 85 -1.55 4.69 1.02
C LEU A 85 -2.09 5.11 2.35
N GLU A 86 -1.20 5.47 3.26
CA GLU A 86 -1.61 5.98 4.55
C GLU A 86 -2.67 7.05 4.35
N ARG A 87 -2.36 8.01 3.47
CA ARG A 87 -3.26 9.13 3.23
C ARG A 87 -4.60 8.70 2.61
N GLN A 88 -4.55 7.76 1.67
CA GLN A 88 -5.71 7.43 0.87
C GLN A 88 -6.56 6.45 1.61
N VAL A 89 -5.88 5.44 2.06
CA VAL A 89 -6.42 4.45 2.95
C VAL A 89 -7.17 5.11 4.10
N ARG A 90 -6.49 6.01 4.78
CA ARG A 90 -7.09 6.69 5.93
C ARG A 90 -8.25 7.57 5.49
N LYS A 91 -8.10 8.28 4.37
CA LYS A 91 -9.16 9.14 3.91
C LYS A 91 -10.41 8.33 3.67
N TYR A 92 -10.22 7.20 3.01
CA TYR A 92 -11.35 6.36 2.62
C TYR A 92 -11.94 5.63 3.83
N LYS A 93 -11.10 4.95 4.61
CA LYS A 93 -11.59 4.15 5.73
C LYS A 93 -12.11 5.04 6.85
N THR A 94 -11.48 6.17 7.06
CA THR A 94 -11.92 7.11 8.07
C THR A 94 -13.18 7.84 7.61
N ARG A 95 -13.28 8.12 6.31
CA ARG A 95 -14.49 8.71 5.76
C ARG A 95 -15.67 7.74 5.90
N ILE A 96 -15.46 6.48 5.52
CA ILE A 96 -16.52 5.49 5.63
C ILE A 96 -16.82 5.18 7.10
N ASN A 97 -15.81 5.34 7.96
CA ASN A 97 -16.01 5.19 9.40
C ASN A 97 -16.93 6.29 9.89
N ARG A 98 -16.69 7.51 9.42
CA ARG A 98 -17.54 8.65 9.78
C ARG A 98 -18.96 8.47 9.25
N LYS A 99 -19.08 7.73 8.15
CA LYS A 99 -20.38 7.44 7.56
C LYS A 99 -21.04 6.26 8.29
N SER A 100 -20.23 5.50 9.00
CA SER A 100 -20.70 4.31 9.70
C SER A 100 -21.43 4.68 10.99
N ARG A 101 -21.31 5.94 11.39
CA ARG A 101 -22.01 6.43 12.58
C ARG A 101 -23.52 6.38 12.35
N ASP A 102 -23.92 6.54 11.09
CA ASP A 102 -25.32 6.56 10.72
C ASP A 102 -25.63 5.34 9.87
N ARG A 103 -26.91 5.12 9.62
CA ARG A 103 -27.35 4.08 8.71
C ARG A 103 -28.02 4.74 7.51
N GLY A 104 -27.52 5.92 7.16
CA GLY A 104 -28.13 6.71 6.13
C GLY A 104 -28.80 7.93 6.70
N ASP A 105 -28.38 9.12 6.28
CA ASP A 105 -28.95 10.35 6.80
C ASP A 105 -30.36 10.57 6.26
N GLN A 106 -30.58 10.13 5.03
CA GLN A 106 -31.90 10.15 4.43
C GLN A 106 -32.38 8.73 4.20
N GLU A 107 -31.50 7.92 3.63
CA GLU A 107 -31.80 6.53 3.31
C GLU A 107 -31.59 5.67 4.55
N VAL A 108 -32.57 5.69 5.46
CA VAL A 108 -32.47 4.93 6.70
C VAL A 108 -33.00 3.51 6.52
N PHE A 109 -33.27 3.14 5.27
CA PHE A 109 -33.81 1.84 4.95
C PHE A 109 -32.70 0.89 4.51
N VAL A 110 -31.99 0.34 5.47
CA VAL A 110 -30.92 -0.59 5.19
C VAL A 110 -30.98 -1.80 6.13
N MET A 1 -6.48 -12.47 7.07
CA MET A 1 -5.16 -12.84 6.53
C MET A 1 -4.73 -11.86 5.44
N ILE A 2 -3.43 -11.74 5.24
CA ILE A 2 -2.89 -10.79 4.26
C ILE A 2 -1.90 -11.50 3.35
N ARG A 3 -1.74 -10.98 2.13
CA ARG A 3 -0.83 -11.56 1.18
C ARG A 3 0.07 -10.50 0.58
N PHE A 4 1.09 -10.95 -0.10
CA PHE A 4 2.07 -10.09 -0.74
C PHE A 4 2.39 -10.67 -2.11
N GLU A 5 1.97 -10.00 -3.16
CA GLU A 5 2.13 -10.51 -4.50
C GLU A 5 3.03 -9.61 -5.29
N ILE A 6 4.30 -9.77 -5.04
CA ILE A 6 5.29 -8.94 -5.66
C ILE A 6 5.84 -9.65 -6.89
N HIS A 7 5.83 -8.93 -7.98
CA HIS A 7 6.52 -9.35 -9.17
C HIS A 7 7.70 -8.47 -9.35
N GLY A 8 8.80 -8.85 -8.80
CA GLY A 8 9.89 -7.94 -8.81
C GLY A 8 11.07 -8.44 -9.63
N ASP A 9 11.36 -7.77 -10.73
CA ASP A 9 12.51 -8.10 -11.55
C ASP A 9 13.66 -7.14 -11.23
N ASN A 10 14.37 -7.43 -10.17
CA ASN A 10 15.41 -6.54 -9.66
C ASN A 10 16.74 -7.28 -9.60
N LEU A 11 17.81 -6.59 -9.94
CA LEU A 11 19.16 -7.14 -9.84
C LEU A 11 19.52 -7.38 -8.38
N THR A 12 18.85 -6.67 -7.48
CA THR A 12 19.06 -6.83 -6.06
C THR A 12 17.74 -7.07 -5.33
N ILE A 13 17.33 -8.34 -5.25
CA ILE A 13 16.16 -8.70 -4.46
C ILE A 13 16.50 -9.82 -3.50
N THR A 14 16.16 -9.63 -2.24
CA THR A 14 16.43 -10.61 -1.21
C THR A 14 15.39 -10.52 -0.10
N ASP A 15 15.60 -11.26 0.97
CA ASP A 15 14.66 -11.32 2.09
C ASP A 15 14.53 -9.94 2.76
N ALA A 16 15.60 -9.16 2.68
CA ALA A 16 15.63 -7.79 3.21
C ALA A 16 14.41 -6.98 2.82
N ILE A 17 14.27 -6.76 1.53
CA ILE A 17 13.19 -5.97 0.99
C ILE A 17 11.86 -6.62 1.27
N ARG A 18 11.83 -7.93 1.11
CA ARG A 18 10.63 -8.68 1.35
C ARG A 18 10.16 -8.37 2.77
N ASN A 19 11.13 -8.43 3.70
CA ASN A 19 10.92 -7.97 5.07
C ASN A 19 10.44 -6.54 5.07
N TYR A 20 11.25 -5.65 4.49
CA TYR A 20 10.97 -4.21 4.43
C TYR A 20 9.50 -3.95 4.05
N ILE A 21 9.02 -4.71 3.08
CA ILE A 21 7.72 -4.46 2.51
C ILE A 21 6.72 -5.11 3.39
N GLU A 22 7.15 -6.22 3.96
CA GLU A 22 6.27 -7.00 4.76
C GLU A 22 5.96 -6.27 6.04
N GLU A 23 6.95 -5.53 6.51
CA GLU A 23 6.84 -4.76 7.73
C GLU A 23 6.15 -3.43 7.46
N LYS A 24 6.41 -2.83 6.30
CA LYS A 24 5.74 -1.60 5.92
C LYS A 24 4.23 -1.86 5.78
N ILE A 25 3.90 -2.82 4.91
CA ILE A 25 2.53 -3.25 4.72
C ILE A 25 2.00 -3.85 6.02
N GLY A 26 2.91 -4.48 6.76
CA GLY A 26 2.57 -4.96 8.08
C GLY A 26 2.18 -3.84 9.02
N LYS A 27 2.80 -2.68 8.87
CA LYS A 27 2.50 -1.56 9.72
C LYS A 27 1.19 -0.99 9.27
N LEU A 28 0.96 -1.10 7.97
CA LEU A 28 -0.32 -0.69 7.41
C LEU A 28 -1.44 -1.64 7.82
N GLU A 29 -1.09 -2.91 8.01
CA GLU A 29 -2.05 -3.93 8.43
C GLU A 29 -2.33 -3.83 9.91
N ARG A 30 -1.33 -3.41 10.70
CA ARG A 30 -1.48 -3.31 12.14
C ARG A 30 -2.55 -2.30 12.56
N TYR A 31 -3.03 -1.52 11.60
CA TYR A 31 -4.17 -0.64 11.86
C TYR A 31 -5.44 -1.46 11.97
N PHE A 32 -5.37 -2.70 11.48
CA PHE A 32 -6.48 -3.59 11.49
C PHE A 32 -6.22 -4.75 12.43
N ASN A 33 -7.25 -5.52 12.71
CA ASN A 33 -7.07 -6.80 13.35
C ASN A 33 -7.70 -7.90 12.50
N ASP A 34 -8.99 -7.80 12.29
CA ASP A 34 -9.76 -8.79 11.58
C ASP A 34 -9.68 -8.63 10.07
N VAL A 35 -8.56 -8.09 9.60
CA VAL A 35 -8.35 -7.83 8.17
C VAL A 35 -8.61 -9.09 7.32
N PRO A 36 -9.66 -9.03 6.47
CA PRO A 36 -10.03 -10.13 5.58
C PRO A 36 -8.97 -10.37 4.51
N ASN A 37 -8.46 -9.28 3.94
CA ASN A 37 -7.44 -9.38 2.91
C ASN A 37 -6.70 -8.05 2.76
N ALA A 38 -5.38 -8.13 2.77
CA ALA A 38 -4.52 -7.00 2.45
C ALA A 38 -3.36 -7.52 1.62
N VAL A 39 -3.28 -7.11 0.37
CA VAL A 39 -2.31 -7.62 -0.56
C VAL A 39 -1.36 -6.51 -0.97
N ALA A 40 -0.14 -6.87 -1.39
CA ALA A 40 0.73 -5.92 -2.06
C ALA A 40 1.21 -6.51 -3.38
N HIS A 41 0.46 -6.22 -4.44
CA HIS A 41 0.85 -6.62 -5.80
C HIS A 41 1.77 -5.56 -6.36
N VAL A 42 3.06 -5.75 -6.18
CA VAL A 42 4.05 -4.75 -6.46
C VAL A 42 4.97 -5.27 -7.52
N LYS A 43 5.53 -4.39 -8.26
CA LYS A 43 6.43 -4.75 -9.35
C LYS A 43 7.63 -3.83 -9.30
N VAL A 44 8.76 -4.36 -9.66
CA VAL A 44 9.97 -3.58 -9.71
C VAL A 44 10.83 -4.09 -10.86
N LYS A 45 11.70 -3.23 -11.34
CA LYS A 45 12.56 -3.49 -12.48
C LYS A 45 13.74 -2.53 -12.43
N THR A 46 14.91 -3.03 -12.07
CA THR A 46 16.10 -2.20 -12.03
C THR A 46 17.35 -3.06 -12.02
N TYR A 47 18.31 -2.70 -12.85
CA TYR A 47 19.61 -3.32 -12.82
C TYR A 47 20.62 -2.26 -12.45
N SER A 48 20.49 -1.76 -11.22
CA SER A 48 21.27 -0.63 -10.74
C SER A 48 20.88 -0.32 -9.31
N ASN A 49 21.75 0.40 -8.61
CA ASN A 49 21.48 0.82 -7.25
C ASN A 49 20.88 2.22 -7.24
N SER A 50 20.85 2.84 -8.41
CA SER A 50 20.41 4.23 -8.52
C SER A 50 19.12 4.35 -9.30
N ALA A 51 18.52 3.21 -9.58
CA ALA A 51 17.30 3.15 -10.37
C ALA A 51 16.23 2.35 -9.68
N THR A 52 15.00 2.61 -10.06
CA THR A 52 13.96 1.68 -9.80
C THR A 52 12.74 1.94 -10.68
N LYS A 53 12.34 0.94 -11.45
CA LYS A 53 11.03 0.96 -12.09
C LYS A 53 10.08 0.10 -11.29
N ILE A 54 9.09 0.73 -10.71
CA ILE A 54 8.23 0.07 -9.74
C ILE A 54 6.77 0.22 -10.04
N GLU A 55 6.00 -0.63 -9.39
CA GLU A 55 4.58 -0.54 -9.41
C GLU A 55 4.08 -1.10 -8.11
N VAL A 56 2.96 -0.64 -7.70
CA VAL A 56 2.30 -1.12 -6.52
C VAL A 56 0.86 -1.29 -6.83
N THR A 57 0.31 -2.28 -6.26
CA THR A 57 -1.11 -2.42 -6.17
C THR A 57 -1.45 -3.21 -4.92
N ILE A 58 -1.81 -2.51 -3.91
CA ILE A 58 -2.03 -3.06 -2.58
C ILE A 58 -3.55 -3.05 -2.28
N PRO A 59 -4.25 -4.16 -2.57
CA PRO A 59 -5.64 -4.35 -2.15
C PRO A 59 -5.78 -4.57 -0.65
N LEU A 60 -6.13 -3.51 0.08
CA LEU A 60 -6.41 -3.60 1.48
C LEU A 60 -7.89 -3.89 1.67
N LYS A 61 -8.35 -3.96 2.92
CA LYS A 61 -9.77 -4.16 3.19
C LYS A 61 -10.55 -3.08 2.50
N ASN A 62 -10.18 -1.87 2.88
CA ASN A 62 -10.96 -0.71 2.55
C ASN A 62 -10.83 -0.37 1.08
N VAL A 63 -9.59 -0.21 0.63
CA VAL A 63 -9.31 0.25 -0.70
C VAL A 63 -8.06 -0.45 -1.28
N THR A 64 -7.98 -0.45 -2.60
CA THR A 64 -6.84 -0.99 -3.31
C THR A 64 -6.02 0.15 -3.93
N LEU A 65 -4.80 0.35 -3.46
CA LEU A 65 -3.97 1.40 -4.04
C LEU A 65 -3.04 0.86 -5.09
N ARG A 66 -2.79 1.66 -6.08
CA ARG A 66 -1.85 1.32 -7.11
C ARG A 66 -1.00 2.51 -7.45
N ALA A 67 0.26 2.25 -7.64
CA ALA A 67 1.20 3.31 -8.08
C ALA A 67 2.26 2.75 -9.01
N GLU A 68 2.97 3.64 -9.70
CA GLU A 68 4.05 3.25 -10.56
C GLU A 68 5.08 4.38 -10.65
N GLU A 69 6.34 4.03 -10.86
CA GLU A 69 7.38 5.01 -11.08
C GLU A 69 8.53 4.35 -11.84
N ARG A 70 9.16 5.09 -12.74
CA ARG A 70 10.20 4.50 -13.57
C ARG A 70 11.58 5.05 -13.23
N ASN A 71 12.54 4.11 -13.16
CA ASN A 71 13.96 4.37 -12.89
C ASN A 71 14.22 5.62 -12.05
N ASP A 72 13.82 5.58 -10.78
CA ASP A 72 14.19 6.65 -9.85
C ASP A 72 14.43 6.10 -8.45
N ASP A 73 13.38 5.93 -7.66
CA ASP A 73 13.51 5.43 -6.29
C ASP A 73 12.29 4.67 -5.88
N LEU A 74 12.54 3.39 -5.84
CA LEU A 74 11.68 2.40 -5.24
C LEU A 74 10.95 2.90 -4.03
N TYR A 75 11.75 3.34 -3.08
CA TYR A 75 11.24 3.62 -1.78
C TYR A 75 10.35 4.84 -1.86
N ALA A 76 10.56 5.60 -2.91
CA ALA A 76 9.80 6.79 -3.19
C ALA A 76 8.54 6.42 -3.92
N GLY A 77 8.65 5.37 -4.75
CA GLY A 77 7.50 4.89 -5.46
C GLY A 77 6.51 4.28 -4.50
N ILE A 78 7.03 3.42 -3.64
CA ILE A 78 6.23 2.78 -2.65
C ILE A 78 5.84 3.75 -1.52
N ASP A 79 6.67 4.75 -1.20
CA ASP A 79 6.25 5.82 -0.25
C ASP A 79 5.34 6.81 -0.91
N LEU A 80 5.39 6.90 -2.22
CA LEU A 80 4.37 7.61 -2.91
C LEU A 80 3.07 6.89 -2.63
N ILE A 81 3.05 5.60 -2.95
CA ILE A 81 1.86 4.81 -2.72
C ILE A 81 1.53 4.58 -1.24
N ASN A 82 2.54 4.53 -0.38
CA ASN A 82 2.33 4.21 1.05
C ASN A 82 1.86 5.43 1.80
N ASN A 83 2.38 6.55 1.41
CA ASN A 83 2.06 7.79 2.05
C ASN A 83 0.72 8.29 1.51
N LYS A 84 0.54 8.07 0.20
CA LYS A 84 -0.77 8.25 -0.41
C LYS A 84 -1.73 7.22 0.14
N LEU A 85 -1.20 6.06 0.51
CA LEU A 85 -1.98 5.00 1.13
C LEU A 85 -2.53 5.50 2.42
N GLU A 86 -1.67 5.94 3.31
CA GLU A 86 -2.12 6.53 4.55
C GLU A 86 -3.18 7.59 4.27
N ARG A 87 -2.87 8.48 3.31
CA ARG A 87 -3.80 9.54 2.97
C ARG A 87 -5.14 9.00 2.42
N GLN A 88 -5.08 8.02 1.53
CA GLN A 88 -6.24 7.60 0.76
C GLN A 88 -7.01 6.59 1.57
N VAL A 89 -6.25 5.67 2.11
CA VAL A 89 -6.75 4.67 3.02
C VAL A 89 -7.52 5.30 4.16
N ARG A 90 -6.89 6.31 4.77
CA ARG A 90 -7.55 7.02 5.86
C ARG A 90 -8.74 7.79 5.36
N LYS A 91 -8.60 8.49 4.25
CA LYS A 91 -9.72 9.27 3.73
C LYS A 91 -10.91 8.38 3.44
N TYR A 92 -10.63 7.19 2.94
CA TYR A 92 -11.67 6.24 2.62
C TYR A 92 -12.29 5.66 3.89
N LYS A 93 -11.45 5.11 4.77
CA LYS A 93 -11.94 4.47 5.98
C LYS A 93 -12.57 5.49 6.92
N THR A 94 -11.99 6.68 6.99
CA THR A 94 -12.50 7.74 7.82
C THR A 94 -13.82 8.28 7.25
N ARG A 95 -13.89 8.46 5.94
CA ARG A 95 -15.12 8.89 5.29
C ARG A 95 -16.22 7.86 5.51
N ILE A 96 -15.93 6.59 5.25
CA ILE A 96 -16.94 5.55 5.40
C ILE A 96 -17.29 5.36 6.88
N ASN A 97 -16.32 5.59 7.76
CA ASN A 97 -16.55 5.50 9.20
C ASN A 97 -17.52 6.59 9.65
N ARG A 98 -17.28 7.81 9.20
CA ARG A 98 -18.16 8.93 9.55
C ARG A 98 -19.50 8.81 8.83
N LYS A 99 -19.48 8.17 7.67
CA LYS A 99 -20.69 7.99 6.89
C LYS A 99 -21.56 6.89 7.49
N SER A 100 -20.92 5.94 8.18
CA SER A 100 -21.62 4.82 8.79
C SER A 100 -22.18 5.20 10.17
N ARG A 101 -22.50 6.47 10.34
CA ARG A 101 -23.17 6.94 11.54
C ARG A 101 -24.68 6.81 11.39
N ASP A 102 -25.08 6.12 10.32
CA ASP A 102 -26.48 5.89 9.99
C ASP A 102 -27.20 7.20 9.71
N ARG A 103 -26.62 7.96 8.79
CA ARG A 103 -27.20 9.22 8.35
C ARG A 103 -28.30 8.96 7.34
N GLY A 104 -28.14 7.87 6.60
CA GLY A 104 -29.07 7.55 5.55
C GLY A 104 -28.93 8.51 4.40
N ASP A 105 -27.75 8.50 3.79
CA ASP A 105 -27.43 9.45 2.74
C ASP A 105 -28.33 9.28 1.53
N GLN A 106 -28.76 8.04 1.31
CA GLN A 106 -29.65 7.73 0.21
C GLN A 106 -31.09 8.03 0.58
N GLU A 107 -31.55 7.42 1.67
CA GLU A 107 -32.93 7.61 2.11
C GLU A 107 -32.99 8.64 3.22
N VAL A 108 -33.16 9.91 2.85
CA VAL A 108 -33.19 10.98 3.83
C VAL A 108 -34.62 11.48 4.03
N PHE A 109 -35.55 10.83 3.37
CA PHE A 109 -36.95 11.22 3.43
C PHE A 109 -37.84 10.01 3.69
N VAL A 110 -37.45 9.20 4.65
CA VAL A 110 -38.23 8.02 5.03
C VAL A 110 -38.60 8.08 6.51
#